data_3AK2
#
_entry.id   3AK2
#
_cell.length_a   69.064
_cell.length_b   71.782
_cell.length_c   76.853
_cell.angle_alpha   90.00
_cell.angle_beta   91.81
_cell.angle_gamma   90.00
#
_symmetry.space_group_name_H-M   'P 1 21 1'
#
loop_
_entity.id
_entity.type
_entity.pdbx_description
1 polymer 'Superoxide dismutase [Mn/Fe]'
2 non-polymer 'MANGANESE (II) ION'
3 non-polymer 1,2-ETHANEDIOL
4 water water
#
_entity_poly.entity_id   1
_entity_poly.type   'polypeptide(L)'
_entity_poly.pdbx_seq_one_letter_code
;MVSFKRYELPPLPYNYNALEPYIIEEIMKLHHQKHHNTYVKGANAALEKIEKHLKGEIQIDVRAVMRDFSFNYAGHIMHT
IFWPNMAPPGKGGGTPGGRVADLIEKQFGGFEKFKALFSAAAKTVEGVGWGVLAFDPLTEELRILQVEKHNVLMTAGLVP
ILVIDVWEHAYYLQYKNDRGSYVENWWNVVNWDDVEKRLEQALNNAKPLYLLPQ
;
_entity_poly.pdbx_strand_id   A,B,C,D
#
loop_
_chem_comp.id
_chem_comp.type
_chem_comp.name
_chem_comp.formula
EDO non-polymer 1,2-ETHANEDIOL 'C2 H6 O2'
MN non-polymer 'MANGANESE (II) ION' 'Mn 2'
#
# COMPACT_ATOMS: atom_id res chain seq x y z
N MET A 1 34.44 -4.06 7.80
CA MET A 1 33.29 -3.26 7.28
C MET A 1 33.78 -2.12 6.39
N VAL A 2 33.08 -1.92 5.28
CA VAL A 2 33.37 -0.84 4.34
C VAL A 2 32.13 0.02 4.19
N SER A 3 32.30 1.35 4.23
CA SER A 3 31.18 2.27 4.06
C SER A 3 30.52 2.08 2.69
N PHE A 4 29.20 2.12 2.68
CA PHE A 4 28.42 1.89 1.46
C PHE A 4 28.80 2.83 0.33
N LYS A 5 28.73 2.31 -0.90
CA LYS A 5 28.89 3.13 -2.08
C LYS A 5 27.63 3.99 -2.22
N ARG A 6 27.84 5.30 -2.29
CA ARG A 6 26.75 6.26 -2.38
C ARG A 6 26.13 6.24 -3.76
N TYR A 7 24.81 6.42 -3.80
CA TYR A 7 24.10 6.68 -5.04
C TYR A 7 24.42 8.10 -5.49
N GLU A 8 24.40 8.32 -6.79
CA GLU A 8 24.69 9.63 -7.37
C GLU A 8 23.63 9.97 -8.40
N LEU A 9 23.33 11.27 -8.50
CA LEU A 9 22.44 11.77 -9.53
C LEU A 9 23.14 11.76 -10.89
N PRO A 10 22.63 10.97 -11.85
CA PRO A 10 23.25 11.02 -13.17
C PRO A 10 22.86 12.29 -13.92
N PRO A 11 23.70 12.75 -14.86
CA PRO A 11 23.25 13.83 -15.73
C PRO A 11 22.20 13.29 -16.68
N LEU A 12 21.39 14.17 -17.26
CA LEU A 12 20.51 13.76 -18.35
C LEU A 12 21.35 13.46 -19.61
N PRO A 13 20.81 12.63 -20.52
CA PRO A 13 21.50 12.36 -21.79
C PRO A 13 21.36 13.50 -22.82
N TYR A 14 20.66 14.56 -22.43
CA TYR A 14 20.32 15.68 -23.32
C TYR A 14 20.06 16.89 -22.45
N ASN A 15 19.96 18.07 -23.06
CA ASN A 15 19.66 19.30 -22.32
C ASN A 15 18.21 19.34 -21.84
N TYR A 16 17.94 20.22 -20.88
CA TYR A 16 16.60 20.30 -20.28
C TYR A 16 15.48 20.64 -21.27
N ASN A 17 15.80 21.40 -22.32
CA ASN A 17 14.79 21.77 -23.32
C ASN A 17 14.74 20.82 -24.53
N ALA A 18 15.49 19.72 -24.47
CA ALA A 18 15.66 18.85 -25.63
C ALA A 18 14.45 18.00 -25.99
N LEU A 19 13.49 17.89 -25.06
CA LEU A 19 12.30 17.08 -25.31
C LEU A 19 11.08 17.89 -25.70
N GLU A 20 11.28 19.19 -25.90
CA GLU A 20 10.23 20.08 -26.39
C GLU A 20 9.86 19.69 -27.83
N PRO A 21 8.58 19.90 -28.21
CA PRO A 21 7.50 20.50 -27.42
C PRO A 21 6.76 19.53 -26.48
N TYR A 22 7.17 18.27 -26.48
CA TYR A 22 6.41 17.20 -25.79
C TYR A 22 6.50 17.25 -24.27
N ILE A 23 7.68 17.58 -23.75
CA ILE A 23 7.85 17.84 -22.32
C ILE A 23 8.67 19.11 -22.17
N ILE A 24 8.09 20.12 -21.52
CA ILE A 24 8.73 21.44 -21.44
C ILE A 24 9.97 21.48 -20.56
N GLU A 25 10.84 22.44 -20.85
CA GLU A 25 12.10 22.62 -20.15
C GLU A 25 11.94 22.73 -18.63
N GLU A 26 10.94 23.49 -18.17
CA GLU A 26 10.78 23.72 -16.74
C GLU A 26 10.53 22.41 -16.00
N ILE A 27 9.72 21.54 -16.60
CA ILE A 27 9.47 20.22 -16.01
C ILE A 27 10.76 19.41 -15.94
N MET A 28 11.47 19.31 -17.06
CA MET A 28 12.69 18.52 -17.09
C MET A 28 13.69 18.98 -16.03
N LYS A 29 13.83 20.30 -15.87
CA LYS A 29 14.76 20.86 -14.89
C LYS A 29 14.35 20.55 -13.45
N LEU A 30 13.12 20.86 -13.08
CA LEU A 30 12.63 20.56 -11.73
C LEU A 30 12.66 19.06 -11.46
N HIS A 31 12.28 18.28 -12.47
CA HIS A 31 12.15 16.85 -12.31
C HIS A 31 13.49 16.22 -11.96
N HIS A 32 14.53 16.69 -12.64
CA HIS A 32 15.88 16.19 -12.46
C HIS A 32 16.53 16.76 -11.21
N GLN A 33 16.53 18.09 -11.11
CA GLN A 33 17.27 18.79 -10.06
C GLN A 33 16.61 18.72 -8.68
N LYS A 34 15.28 18.64 -8.66
CA LYS A 34 14.56 18.60 -7.39
C LYS A 34 14.13 17.19 -7.04
N HIS A 35 13.30 16.59 -7.88
CA HIS A 35 12.73 15.29 -7.55
C HIS A 35 13.74 14.14 -7.58
N HIS A 36 14.41 13.93 -8.70
CA HIS A 36 15.35 12.82 -8.76
C HIS A 36 16.45 13.00 -7.72
N ASN A 37 16.98 14.21 -7.58
CA ASN A 37 17.99 14.50 -6.58
C ASN A 37 17.56 14.12 -5.17
N THR A 38 16.29 14.40 -4.85
CA THR A 38 15.74 14.10 -3.54
C THR A 38 15.75 12.59 -3.27
N TYR A 39 15.44 11.79 -4.28
CA TYR A 39 15.46 10.33 -4.09
C TYR A 39 16.87 9.81 -3.87
N VAL A 40 17.83 10.35 -4.61
CA VAL A 40 19.23 9.99 -4.41
C VAL A 40 19.64 10.29 -2.97
N LYS A 41 19.36 11.50 -2.51
CA LYS A 41 19.69 11.89 -1.14
C LYS A 41 18.98 11.01 -0.11
N GLY A 42 17.70 10.71 -0.36
CA GLY A 42 16.91 9.88 0.55
C GLY A 42 17.44 8.47 0.67
N ALA A 43 17.90 7.91 -0.45
CA ALA A 43 18.45 6.56 -0.44
C ALA A 43 19.75 6.53 0.35
N ASN A 44 20.61 7.52 0.11
CA ASN A 44 21.85 7.64 0.88
C ASN A 44 21.62 7.85 2.37
N ALA A 45 20.63 8.67 2.73
CA ALA A 45 20.33 8.96 4.13
C ALA A 45 19.88 7.69 4.85
N ALA A 46 19.09 6.85 4.18
CA ALA A 46 18.66 5.59 4.77
C ALA A 46 19.85 4.66 5.02
N LEU A 47 20.76 4.57 4.04
CA LEU A 47 21.93 3.72 4.20
C LEU A 47 22.88 4.23 5.28
N GLU A 48 22.93 5.55 5.46
CA GLU A 48 23.73 6.13 6.53
C GLU A 48 23.21 5.73 7.90
N LYS A 49 21.88 5.71 8.05
CA LYS A 49 21.26 5.24 9.29
C LYS A 49 21.57 3.77 9.57
N ILE A 50 21.50 2.93 8.54
CA ILE A 50 21.84 1.53 8.68
C ILE A 50 23.31 1.39 9.11
N GLU A 51 24.19 2.15 8.48
CA GLU A 51 25.61 2.15 8.83
C GLU A 51 25.85 2.53 10.30
N LYS A 52 25.26 3.64 10.74
CA LYS A 52 25.41 4.09 12.12
C LYS A 52 24.84 3.06 13.12
N HIS A 53 23.74 2.43 12.76
CA HIS A 53 23.17 1.34 13.55
C HIS A 53 24.16 0.19 13.71
N LEU A 54 24.73 -0.24 12.58
CA LEU A 54 25.66 -1.36 12.57
C LEU A 54 26.95 -1.06 13.33
N LYS A 55 27.31 0.22 13.39
CA LYS A 55 28.49 0.66 14.13
C LYS A 55 28.21 0.89 15.63
N GLY A 56 26.97 0.67 16.04
CA GLY A 56 26.55 0.83 17.44
C GLY A 56 26.50 2.29 17.89
N GLU A 57 26.16 3.17 16.96
CA GLU A 57 26.19 4.62 17.21
C GLU A 57 24.81 5.24 17.44
N ILE A 58 23.78 4.63 16.87
CA ILE A 58 22.40 5.13 17.02
C ILE A 58 21.42 3.98 17.13
N GLN A 59 20.20 4.28 17.58
CA GLN A 59 19.09 3.36 17.51
C GLN A 59 18.29 3.67 16.27
N ILE A 60 17.82 2.62 15.59
CA ILE A 60 16.95 2.79 14.43
C ILE A 60 15.69 1.93 14.53
N ASP A 61 14.64 2.39 13.86
CA ASP A 61 13.48 1.58 13.59
C ASP A 61 13.77 0.92 12.25
N VAL A 62 14.08 -0.37 12.28
CA VAL A 62 14.51 -1.11 11.10
C VAL A 62 13.45 -1.05 9.99
N ARG A 63 12.20 -1.28 10.36
CA ARG A 63 11.10 -1.23 9.39
C ARG A 63 11.02 0.14 8.71
N ALA A 64 11.08 1.19 9.52
CA ALA A 64 10.98 2.55 9.00
C ALA A 64 12.12 2.90 8.06
N VAL A 65 13.35 2.59 8.45
CA VAL A 65 14.51 2.93 7.64
C VAL A 65 14.47 2.15 6.32
N MET A 66 14.02 0.90 6.38
CA MET A 66 13.92 0.12 5.16
C MET A 66 12.80 0.59 4.23
N ARG A 67 11.69 1.08 4.80
CA ARG A 67 10.66 1.72 4.00
C ARG A 67 11.20 2.96 3.29
N ASP A 68 12.02 3.74 4.00
CA ASP A 68 12.65 4.93 3.42
C ASP A 68 13.61 4.53 2.31
N PHE A 69 14.43 3.50 2.56
CA PHE A 69 15.34 3.00 1.54
C PHE A 69 14.57 2.50 0.32
N SER A 70 13.53 1.71 0.54
CA SER A 70 12.73 1.16 -0.54
C SER A 70 12.21 2.27 -1.46
N PHE A 71 11.54 3.27 -0.87
CA PHE A 71 10.94 4.32 -1.68
C PHE A 71 11.98 5.11 -2.46
N ASN A 72 13.04 5.52 -1.78
CA ASN A 72 14.01 6.39 -2.40
C ASN A 72 14.94 5.68 -3.37
N TYR A 73 15.38 4.47 -3.03
CA TYR A 73 16.12 3.66 -3.98
C TYR A 73 15.28 3.42 -5.23
N ALA A 74 14.03 3.02 -5.05
CA ALA A 74 13.14 2.81 -6.17
C ALA A 74 13.00 4.09 -7.01
N GLY A 75 12.81 5.24 -6.37
CA GLY A 75 12.72 6.49 -7.11
C GLY A 75 13.97 6.72 -7.93
N HIS A 76 15.11 6.47 -7.32
CA HIS A 76 16.39 6.64 -7.99
C HIS A 76 16.51 5.75 -9.23
N ILE A 77 16.33 4.44 -9.07
CA ILE A 77 16.51 3.56 -10.22
C ILE A 77 15.47 3.80 -11.32
N MET A 78 14.22 4.08 -10.93
CA MET A 78 13.17 4.32 -11.93
C MET A 78 13.47 5.57 -12.77
N HIS A 79 13.93 6.64 -12.13
CA HIS A 79 14.30 7.84 -12.89
C HIS A 79 15.55 7.62 -13.74
N THR A 80 16.48 6.83 -13.21
CA THR A 80 17.71 6.48 -13.93
C THR A 80 17.40 5.76 -15.25
N ILE A 81 16.35 4.95 -15.26
CA ILE A 81 15.90 4.29 -16.49
C ILE A 81 15.08 5.27 -17.36
N PHE A 82 14.24 6.07 -16.71
CA PHE A 82 13.35 7.02 -17.39
C PHE A 82 14.06 7.98 -18.34
N TRP A 83 15.16 8.59 -17.90
CA TRP A 83 15.81 9.59 -18.74
C TRP A 83 16.34 9.05 -20.08
N PRO A 84 17.20 8.01 -20.05
CA PRO A 84 17.68 7.46 -21.32
C PRO A 84 16.61 6.71 -22.14
N ASN A 85 15.49 6.36 -21.50
CA ASN A 85 14.32 5.84 -22.21
C ASN A 85 13.72 6.87 -23.15
N MET A 86 14.16 8.13 -23.03
CA MET A 86 13.68 9.21 -23.91
C MET A 86 14.84 9.79 -24.70
N ALA A 87 14.52 10.49 -25.77
CA ALA A 87 15.50 11.16 -26.60
C ALA A 87 14.82 12.30 -27.36
N PRO A 88 15.59 13.33 -27.76
CA PRO A 88 15.00 14.42 -28.54
C PRO A 88 14.25 13.87 -29.75
N PRO A 89 13.09 14.48 -30.09
CA PRO A 89 12.29 14.00 -31.22
C PRO A 89 13.14 13.80 -32.47
N GLY A 90 12.96 12.66 -33.15
CA GLY A 90 13.85 12.28 -34.24
C GLY A 90 14.57 10.98 -33.90
N LYS A 91 15.58 11.08 -33.03
CA LYS A 91 16.14 9.90 -32.39
C LYS A 91 15.06 9.27 -31.52
N GLY A 92 14.25 10.13 -30.89
CA GLY A 92 13.11 9.70 -30.11
C GLY A 92 11.85 9.61 -30.95
N GLY A 93 10.93 8.75 -30.52
CA GLY A 93 9.66 8.58 -31.23
C GLY A 93 9.70 7.47 -32.26
N GLY A 94 8.68 7.44 -33.10
CA GLY A 94 8.55 6.43 -34.14
C GLY A 94 8.17 5.06 -33.59
N THR A 95 8.48 4.03 -34.37
CA THR A 95 8.11 2.66 -34.05
C THR A 95 9.37 1.80 -33.98
N PRO A 96 9.44 0.89 -33.01
CA PRO A 96 10.63 0.07 -32.81
C PRO A 96 10.83 -1.00 -33.88
N GLY A 97 12.08 -1.41 -34.05
CA GLY A 97 12.42 -2.59 -34.83
C GLY A 97 13.07 -3.62 -33.93
N GLY A 98 13.89 -4.49 -34.53
CA GLY A 98 14.70 -5.45 -33.80
C GLY A 98 13.94 -6.42 -32.91
N ARG A 99 14.59 -6.79 -31.81
CA ARG A 99 14.05 -7.77 -30.87
C ARG A 99 12.81 -7.25 -30.14
N VAL A 100 12.81 -5.95 -29.84
CA VAL A 100 11.66 -5.29 -29.20
C VAL A 100 10.41 -5.45 -30.07
N ALA A 101 10.51 -5.11 -31.34
CA ALA A 101 9.39 -5.26 -32.27
C ALA A 101 8.95 -6.72 -32.39
N ASP A 102 9.93 -7.63 -32.41
CA ASP A 102 9.63 -9.05 -32.53
C ASP A 102 8.80 -9.56 -31.36
N LEU A 103 9.22 -9.25 -30.14
CA LEU A 103 8.46 -9.66 -28.96
C LEU A 103 7.11 -8.95 -28.87
N ILE A 104 7.07 -7.69 -29.26
CA ILE A 104 5.81 -6.96 -29.29
C ILE A 104 4.81 -7.62 -30.25
N GLU A 105 5.29 -8.07 -31.40
CA GLU A 105 4.47 -8.77 -32.37
C GLU A 105 3.95 -10.11 -31.83
N LYS A 106 4.84 -10.89 -31.22
CA LYS A 106 4.51 -12.23 -30.75
C LYS A 106 3.60 -12.25 -29.52
N GLN A 107 3.74 -11.23 -28.67
CA GLN A 107 3.04 -11.23 -27.39
C GLN A 107 1.81 -10.35 -27.35
N PHE A 108 1.92 -9.16 -27.94
CA PHE A 108 0.84 -8.19 -27.86
C PHE A 108 0.04 -8.08 -29.15
N GLY A 109 0.48 -8.80 -30.18
CA GLY A 109 -0.18 -8.78 -31.47
C GLY A 109 0.14 -7.54 -32.28
N GLY A 110 1.33 -6.99 -32.07
CA GLY A 110 1.80 -5.85 -32.86
C GLY A 110 1.90 -4.56 -32.08
N PHE A 111 2.54 -3.56 -32.70
CA PHE A 111 2.85 -2.31 -32.01
C PHE A 111 1.63 -1.51 -31.57
N GLU A 112 0.60 -1.41 -32.41
CA GLU A 112 -0.57 -0.64 -32.05
C GLU A 112 -1.34 -1.24 -30.86
N LYS A 113 -1.46 -2.56 -30.82
CA LYS A 113 -2.08 -3.23 -29.68
C LYS A 113 -1.27 -3.03 -28.41
N PHE A 114 0.05 -3.16 -28.51
CA PHE A 114 0.95 -2.88 -27.39
C PHE A 114 0.83 -1.44 -26.90
N LYS A 115 0.87 -0.49 -27.84
CA LYS A 115 0.82 0.93 -27.50
C LYS A 115 -0.47 1.27 -26.77
N ALA A 116 -1.59 0.74 -27.25
CA ALA A 116 -2.88 0.98 -26.61
C ALA A 116 -2.90 0.44 -25.18
N LEU A 117 -2.33 -0.74 -24.97
CA LEU A 117 -2.33 -1.35 -23.65
C LEU A 117 -1.40 -0.63 -22.69
N PHE A 118 -0.20 -0.33 -23.16
CA PHE A 118 0.77 0.42 -22.36
C PHE A 118 0.21 1.79 -22.00
N SER A 119 -0.40 2.48 -22.97
CA SER A 119 -1.00 3.78 -22.71
C SER A 119 -2.12 3.70 -21.68
N ALA A 120 -2.94 2.65 -21.76
CA ALA A 120 -4.01 2.45 -20.79
C ALA A 120 -3.45 2.19 -19.40
N ALA A 121 -2.41 1.35 -19.32
CA ALA A 121 -1.73 1.09 -18.05
C ALA A 121 -1.21 2.39 -17.43
N ALA A 122 -0.55 3.22 -18.24
CA ALA A 122 -0.01 4.49 -17.75
C ALA A 122 -1.09 5.47 -17.31
N LYS A 123 -2.12 5.61 -18.13
CA LYS A 123 -3.18 6.58 -17.86
C LYS A 123 -3.96 6.25 -16.59
N THR A 124 -4.11 4.96 -16.31
CA THR A 124 -4.98 4.53 -15.22
C THR A 124 -4.25 4.17 -13.92
N VAL A 125 -2.99 4.57 -13.79
CA VAL A 125 -2.30 4.44 -12.52
C VAL A 125 -3.10 5.25 -11.49
N GLU A 126 -3.41 4.61 -10.37
CA GLU A 126 -4.21 5.27 -9.34
C GLU A 126 -3.27 6.01 -8.38
N GLY A 127 -3.44 7.33 -8.30
CA GLY A 127 -2.45 8.17 -7.63
C GLY A 127 -1.24 8.33 -8.52
N VAL A 128 -0.07 8.48 -7.91
CA VAL A 128 1.14 8.66 -8.68
C VAL A 128 1.84 7.31 -8.88
N GLY A 129 2.61 7.21 -9.96
CA GLY A 129 3.32 5.97 -10.25
C GLY A 129 3.89 5.93 -11.65
N TRP A 130 3.97 4.71 -12.18
CA TRP A 130 4.68 4.43 -13.43
C TRP A 130 3.93 3.41 -14.25
N GLY A 131 4.02 3.57 -15.58
CA GLY A 131 3.72 2.47 -16.51
C GLY A 131 5.01 1.79 -16.85
N VAL A 132 5.02 0.45 -16.83
CA VAL A 132 6.26 -0.31 -16.97
C VAL A 132 6.14 -1.43 -17.98
N LEU A 133 7.08 -1.45 -18.93
CA LEU A 133 7.30 -2.61 -19.78
C LEU A 133 8.54 -3.31 -19.24
N ALA A 134 8.37 -4.58 -18.87
CA ALA A 134 9.43 -5.34 -18.23
C ALA A 134 9.73 -6.63 -18.96
N PHE A 135 10.95 -7.11 -18.79
CA PHE A 135 11.36 -8.43 -19.23
C PHE A 135 11.24 -9.41 -18.07
N ASP A 136 10.50 -10.48 -18.29
CA ASP A 136 10.28 -11.52 -17.28
C ASP A 136 11.36 -12.61 -17.38
N PRO A 137 12.24 -12.73 -16.37
CA PRO A 137 13.30 -13.75 -16.44
C PRO A 137 12.78 -15.18 -16.43
N LEU A 138 11.58 -15.40 -15.92
CA LEU A 138 11.02 -16.75 -15.81
C LEU A 138 10.55 -17.31 -17.15
N THR A 139 10.12 -16.43 -18.04
CA THR A 139 9.57 -16.83 -19.34
C THR A 139 10.34 -16.22 -20.52
N GLU A 140 11.28 -15.33 -20.24
CA GLU A 140 12.01 -14.58 -21.26
C GLU A 140 11.07 -13.87 -22.25
N GLU A 141 10.01 -13.28 -21.68
CA GLU A 141 8.96 -12.58 -22.42
C GLU A 141 8.73 -11.21 -21.80
N LEU A 142 8.07 -10.33 -22.56
CA LEU A 142 7.65 -9.03 -22.07
C LEU A 142 6.39 -9.12 -21.22
N ARG A 143 6.30 -8.23 -20.24
CA ARG A 143 5.11 -8.07 -19.41
C ARG A 143 4.89 -6.58 -19.19
N ILE A 144 3.64 -6.16 -19.14
CA ILE A 144 3.31 -4.78 -18.76
C ILE A 144 2.68 -4.78 -17.38
N LEU A 145 3.09 -3.82 -16.56
CA LEU A 145 2.45 -3.60 -15.25
C LEU A 145 2.47 -2.14 -14.85
N GLN A 146 1.75 -1.82 -13.78
CA GLN A 146 1.82 -0.51 -13.13
C GLN A 146 2.63 -0.60 -11.86
N VAL A 147 3.24 0.52 -11.50
CA VAL A 147 3.84 0.69 -10.19
C VAL A 147 3.23 1.94 -9.57
N GLU A 148 2.80 1.84 -8.31
CA GLU A 148 2.32 3.00 -7.56
C GLU A 148 3.45 3.54 -6.69
N LYS A 149 3.45 4.84 -6.42
CA LYS A 149 4.64 5.53 -5.89
C LYS A 149 5.83 5.08 -6.73
N HIS A 150 6.89 4.58 -6.09
CA HIS A 150 8.01 3.97 -6.82
C HIS A 150 8.16 2.50 -6.51
N ASN A 151 7.42 2.04 -5.49
CA ASN A 151 7.76 0.81 -4.78
C ASN A 151 6.53 0.08 -4.29
N VAL A 152 5.43 0.21 -5.01
CA VAL A 152 4.19 -0.50 -4.70
C VAL A 152 3.73 -1.14 -6.02
N LEU A 153 3.45 -2.44 -5.96
CA LEU A 153 3.09 -3.27 -7.11
C LEU A 153 4.29 -3.74 -7.93
N MET A 154 5.46 -3.16 -7.70
CA MET A 154 6.65 -3.71 -8.34
C MET A 154 6.95 -5.08 -7.73
N THR A 155 7.48 -5.97 -8.55
CA THR A 155 7.78 -7.33 -8.12
C THR A 155 9.26 -7.60 -8.31
N ALA A 156 9.74 -8.64 -7.65
CA ALA A 156 11.06 -9.18 -7.92
C ALA A 156 11.09 -9.74 -9.35
N GLY A 157 12.29 -9.88 -9.88
CA GLY A 157 12.51 -10.55 -11.16
C GLY A 157 12.34 -9.67 -12.39
N LEU A 158 11.13 -9.17 -12.59
CA LEU A 158 10.83 -8.32 -13.74
C LEU A 158 11.83 -7.19 -13.89
N VAL A 159 12.39 -7.07 -15.09
CA VAL A 159 13.40 -6.07 -15.39
C VAL A 159 12.76 -4.96 -16.23
N PRO A 160 12.55 -3.76 -15.65
CA PRO A 160 12.01 -2.67 -16.46
C PRO A 160 12.94 -2.30 -17.61
N ILE A 161 12.40 -2.30 -18.83
CA ILE A 161 13.16 -1.85 -20.01
C ILE A 161 12.64 -0.54 -20.61
N LEU A 162 11.37 -0.23 -20.31
CA LEU A 162 10.77 1.03 -20.72
C LEU A 162 9.77 1.45 -19.65
N VAL A 163 9.92 2.67 -19.15
CA VAL A 163 9.06 3.19 -18.09
C VAL A 163 8.55 4.58 -18.46
N ILE A 164 7.32 4.88 -18.05
CA ILE A 164 6.79 6.23 -18.14
C ILE A 164 6.39 6.69 -16.75
N ASP A 165 6.88 7.87 -16.37
CA ASP A 165 6.57 8.48 -15.09
C ASP A 165 5.22 9.18 -15.22
N VAL A 166 4.24 8.76 -14.42
CA VAL A 166 2.96 9.46 -14.36
C VAL A 166 2.68 10.07 -12.98
N TRP A 167 3.74 10.31 -12.20
CA TRP A 167 3.60 11.22 -11.08
C TRP A 167 3.15 12.56 -11.63
N GLU A 168 2.38 13.30 -10.85
CA GLU A 168 1.84 14.57 -11.32
C GLU A 168 2.95 15.55 -11.70
N HIS A 169 4.06 15.54 -10.96
CA HIS A 169 5.18 16.41 -11.26
C HIS A 169 5.80 16.19 -12.63
N ALA A 170 5.54 15.04 -13.24
CA ALA A 170 6.07 14.74 -14.57
C ALA A 170 5.34 15.48 -15.69
N TYR A 171 4.15 16.02 -15.41
CA TYR A 171 3.34 16.61 -16.47
C TYR A 171 2.51 17.83 -16.11
N TYR A 172 2.28 18.07 -14.82
CA TYR A 172 1.26 19.04 -14.40
C TYR A 172 1.47 20.47 -14.90
N LEU A 173 2.71 20.94 -14.89
CA LEU A 173 2.98 22.31 -15.33
C LEU A 173 2.56 22.57 -16.77
N GLN A 174 2.64 21.53 -17.60
CA GLN A 174 2.32 21.63 -19.02
C GLN A 174 0.92 21.15 -19.35
N TYR A 175 0.58 19.96 -18.85
CA TYR A 175 -0.67 19.28 -19.23
C TYR A 175 -1.77 19.41 -18.19
N LYS A 176 -1.44 20.04 -17.05
CA LYS A 176 -2.37 20.18 -15.93
C LYS A 176 -2.90 18.79 -15.54
N ASN A 177 -4.21 18.68 -15.34
CA ASN A 177 -4.83 17.40 -14.98
C ASN A 177 -4.87 16.38 -16.13
N ASP A 178 -4.56 16.82 -17.34
CA ASP A 178 -4.72 15.98 -18.53
C ASP A 178 -3.55 15.02 -18.73
N ARG A 179 -3.47 14.03 -17.85
CA ARG A 179 -2.46 12.99 -17.93
C ARG A 179 -2.54 12.23 -19.26
N GLY A 180 -3.76 12.04 -19.76
CA GLY A 180 -3.98 11.32 -21.02
C GLY A 180 -3.23 11.93 -22.19
N SER A 181 -3.31 13.26 -22.30
CA SER A 181 -2.59 13.97 -23.35
C SER A 181 -1.08 13.86 -23.17
N TYR A 182 -0.62 13.92 -21.92
CA TYR A 182 0.80 13.71 -21.63
C TYR A 182 1.30 12.35 -22.13
N VAL A 183 0.56 11.29 -21.80
CA VAL A 183 0.95 9.93 -22.18
C VAL A 183 0.99 9.78 -23.69
N GLU A 184 -0.03 10.32 -24.37
CA GLU A 184 -0.08 10.28 -25.83
C GLU A 184 1.13 10.98 -26.46
N ASN A 185 1.48 12.14 -25.90
CA ASN A 185 2.62 12.91 -26.40
C ASN A 185 3.97 12.29 -26.10
N TRP A 186 4.07 11.59 -24.97
CA TRP A 186 5.32 10.96 -24.55
C TRP A 186 5.88 9.96 -25.58
N TRP A 187 5.00 9.30 -26.32
CA TRP A 187 5.44 8.38 -27.37
C TRP A 187 6.38 9.01 -28.38
N ASN A 188 6.24 10.33 -28.58
CA ASN A 188 7.06 11.05 -29.55
C ASN A 188 8.51 11.25 -29.13
N VAL A 189 8.83 10.93 -27.88
CA VAL A 189 10.20 11.03 -27.38
C VAL A 189 10.79 9.70 -26.87
N VAL A 190 10.08 8.60 -27.07
CA VAL A 190 10.60 7.29 -26.65
C VAL A 190 11.86 6.92 -27.43
N ASN A 191 12.90 6.58 -26.71
CA ASN A 191 14.18 6.18 -27.28
C ASN A 191 14.22 4.67 -27.49
N TRP A 192 13.71 4.21 -28.63
CA TRP A 192 13.63 2.77 -28.88
C TRP A 192 15.01 2.09 -28.95
N ASP A 193 16.03 2.86 -29.32
CA ASP A 193 17.41 2.34 -29.29
C ASP A 193 17.81 1.94 -27.87
N ASP A 194 17.48 2.77 -26.90
CA ASP A 194 17.78 2.46 -25.50
C ASP A 194 17.00 1.23 -25.05
N VAL A 195 15.71 1.18 -25.39
CA VAL A 195 14.86 0.04 -25.03
C VAL A 195 15.42 -1.26 -25.63
N GLU A 196 15.83 -1.21 -26.89
CA GLU A 196 16.42 -2.36 -27.58
C GLU A 196 17.69 -2.85 -26.87
N LYS A 197 18.55 -1.90 -26.49
CA LYS A 197 19.77 -2.24 -25.77
C LYS A 197 19.49 -2.86 -24.40
N ARG A 198 18.47 -2.35 -23.71
CA ARG A 198 18.04 -2.93 -22.44
C ARG A 198 17.52 -4.35 -22.60
N LEU A 199 16.68 -4.56 -23.62
CA LEU A 199 16.17 -5.89 -23.92
C LEU A 199 17.31 -6.87 -24.25
N GLU A 200 18.28 -6.41 -25.03
CA GLU A 200 19.45 -7.22 -25.34
C GLU A 200 20.15 -7.68 -24.07
N GLN A 201 20.39 -6.76 -23.15
CA GLN A 201 21.02 -7.11 -21.88
C GLN A 201 20.18 -8.10 -21.08
N ALA A 202 18.87 -7.88 -21.04
CA ALA A 202 17.96 -8.78 -20.34
C ALA A 202 17.92 -10.18 -20.93
N LEU A 203 17.86 -10.27 -22.27
CA LEU A 203 17.89 -11.56 -22.96
C LEU A 203 19.16 -12.35 -22.64
N ASN A 204 20.27 -11.62 -22.47
CA ASN A 204 21.56 -12.22 -22.19
C ASN A 204 21.79 -12.56 -20.71
N ASN A 205 21.18 -11.78 -19.81
CA ASN A 205 21.58 -11.77 -18.39
C ASN A 205 20.54 -12.18 -17.34
N ALA A 206 19.25 -11.98 -17.62
CA ALA A 206 18.23 -12.02 -16.56
C ALA A 206 17.88 -13.39 -15.96
N LYS A 207 17.57 -14.37 -16.81
CA LYS A 207 17.12 -15.68 -16.34
C LYS A 207 18.04 -16.37 -15.29
N PRO A 208 19.36 -16.45 -15.58
CA PRO A 208 20.32 -17.08 -14.64
C PRO A 208 20.37 -16.52 -13.22
N LEU A 209 19.87 -15.30 -13.01
CA LEU A 209 19.82 -14.71 -11.66
C LEU A 209 18.89 -15.49 -10.74
N TYR A 210 17.96 -16.24 -11.33
CA TYR A 210 16.86 -16.85 -10.59
C TYR A 210 16.74 -18.35 -10.79
N LEU A 211 16.99 -18.80 -12.01
CA LEU A 211 16.88 -20.21 -12.38
C LEU A 211 18.24 -20.70 -12.84
N LYS B 5 3.55 -16.92 -22.29
CA LYS B 5 4.01 -18.20 -21.71
C LYS B 5 3.50 -18.34 -20.28
N ARG B 6 2.96 -19.51 -19.96
CA ARG B 6 2.35 -19.75 -18.65
C ARG B 6 3.36 -20.19 -17.61
N TYR B 7 3.07 -19.84 -16.36
CA TYR B 7 3.88 -20.23 -15.20
C TYR B 7 3.49 -21.62 -14.75
N GLU B 8 4.45 -22.29 -14.10
CA GLU B 8 4.27 -23.65 -13.61
C GLU B 8 4.76 -23.73 -12.18
N LEU B 9 4.12 -24.59 -11.39
CA LEU B 9 4.56 -24.85 -10.02
C LEU B 9 5.81 -25.74 -10.05
N PRO B 10 6.93 -25.24 -9.50
CA PRO B 10 8.12 -26.09 -9.45
C PRO B 10 7.98 -27.15 -8.35
N PRO B 11 8.60 -28.32 -8.54
CA PRO B 11 8.66 -29.25 -7.43
C PRO B 11 9.59 -28.68 -6.35
N LEU B 12 9.42 -29.12 -5.11
CA LEU B 12 10.39 -28.80 -4.07
C LEU B 12 11.72 -29.51 -4.36
N PRO B 13 12.83 -28.97 -3.85
CA PRO B 13 14.12 -29.66 -4.00
C PRO B 13 14.34 -30.82 -3.01
N TYR B 14 13.34 -31.11 -2.18
CA TYR B 14 13.46 -32.07 -1.08
C TYR B 14 12.07 -32.55 -0.68
N ASN B 15 12.02 -33.62 0.12
CA ASN B 15 10.76 -34.16 0.65
C ASN B 15 10.00 -33.10 1.45
N TYR B 16 8.67 -33.24 1.53
CA TYR B 16 7.87 -32.31 2.34
C TYR B 16 8.28 -32.26 3.81
N ASN B 17 8.80 -33.39 4.33
CA ASN B 17 9.25 -33.44 5.73
C ASN B 17 10.74 -33.17 5.91
N ALA B 18 11.42 -32.76 4.85
CA ALA B 18 12.89 -32.67 4.85
C ALA B 18 13.47 -31.53 5.70
N LEU B 19 12.62 -30.55 6.03
CA LEU B 19 13.08 -29.42 6.82
C LEU B 19 12.75 -29.56 8.31
N GLU B 20 12.20 -30.72 8.69
CA GLU B 20 11.91 -31.01 10.08
C GLU B 20 13.20 -31.15 10.88
N PRO B 21 13.19 -30.75 12.16
CA PRO B 21 12.06 -30.25 12.96
C PRO B 21 11.72 -28.77 12.77
N TYR B 22 12.50 -28.04 11.99
CA TYR B 22 12.41 -26.59 11.93
C TYR B 22 11.15 -26.07 11.25
N ILE B 23 10.74 -26.74 10.16
CA ILE B 23 9.44 -26.47 9.53
C ILE B 23 8.77 -27.81 9.26
N ILE B 24 7.60 -27.99 9.86
CA ILE B 24 6.90 -29.27 9.79
C ILE B 24 6.33 -29.59 8.41
N GLU B 25 6.21 -30.90 8.13
CA GLU B 25 5.65 -31.41 6.89
C GLU B 25 4.30 -30.79 6.51
N GLU B 26 3.39 -30.64 7.47
CA GLU B 26 2.06 -30.12 7.14
C GLU B 26 2.14 -28.71 6.53
N ILE B 27 2.99 -27.86 7.11
CA ILE B 27 3.20 -26.52 6.57
C ILE B 27 3.77 -26.62 5.16
N MET B 28 4.84 -27.37 4.99
CA MET B 28 5.47 -27.49 3.68
C MET B 28 4.48 -27.92 2.60
N LYS B 29 3.62 -28.88 2.93
CA LYS B 29 2.64 -29.41 1.98
C LYS B 29 1.55 -28.40 1.62
N LEU B 30 0.95 -27.78 2.63
CA LEU B 30 -0.05 -26.73 2.40
C LEU B 30 0.57 -25.55 1.66
N HIS B 31 1.78 -25.18 2.07
CA HIS B 31 2.44 -24.00 1.54
C HIS B 31 2.73 -24.15 0.05
N HIS B 32 3.20 -25.34 -0.33
CA HIS B 32 3.56 -25.62 -1.71
C HIS B 32 2.34 -25.96 -2.57
N GLN B 33 1.54 -26.91 -2.10
CA GLN B 33 0.43 -27.45 -2.90
C GLN B 33 -0.78 -26.54 -2.97
N LYS B 34 -0.98 -25.72 -1.94
CA LYS B 34 -2.09 -24.77 -1.94
C LYS B 34 -1.65 -23.35 -2.21
N HIS B 35 -0.85 -22.77 -1.32
CA HIS B 35 -0.50 -21.36 -1.45
C HIS B 35 0.29 -21.04 -2.72
N HIS B 36 1.44 -21.69 -2.91
CA HIS B 36 2.24 -21.41 -4.09
C HIS B 36 1.45 -21.73 -5.36
N ASN B 37 0.79 -22.88 -5.39
CA ASN B 37 -0.02 -23.23 -6.55
C ASN B 37 -1.07 -22.18 -6.89
N THR B 38 -1.67 -21.60 -5.85
CA THR B 38 -2.67 -20.54 -6.04
C THR B 38 -2.07 -19.31 -6.74
N TYR B 39 -0.84 -18.95 -6.41
CA TYR B 39 -0.18 -17.82 -7.08
C TYR B 39 0.13 -18.13 -8.55
N VAL B 40 0.58 -19.35 -8.83
CA VAL B 40 0.81 -19.77 -10.21
C VAL B 40 -0.48 -19.63 -11.01
N LYS B 41 -1.56 -20.18 -10.49
CA LYS B 41 -2.86 -20.13 -11.16
C LYS B 41 -3.36 -18.70 -11.33
N GLY B 42 -3.17 -17.87 -10.31
CA GLY B 42 -3.60 -16.48 -10.35
C GLY B 42 -2.84 -15.66 -11.38
N ALA B 43 -1.55 -15.92 -11.50
CA ALA B 43 -0.73 -15.22 -12.49
C ALA B 43 -1.17 -15.61 -13.90
N ASN B 44 -1.39 -16.90 -14.12
CA ASN B 44 -1.85 -17.38 -15.41
C ASN B 44 -3.25 -16.87 -15.75
N ALA B 45 -4.12 -16.78 -14.76
CA ALA B 45 -5.47 -16.27 -14.97
C ALA B 45 -5.44 -14.80 -15.41
N ALA B 46 -4.54 -14.02 -14.83
CA ALA B 46 -4.39 -12.62 -15.20
C ALA B 46 -3.88 -12.48 -16.63
N LEU B 47 -2.90 -13.31 -16.99
CA LEU B 47 -2.38 -13.33 -18.36
C LEU B 47 -3.43 -13.71 -19.39
N GLU B 48 -4.28 -14.68 -19.04
CA GLU B 48 -5.37 -15.10 -19.93
C GLU B 48 -6.32 -13.94 -20.22
N LYS B 49 -6.64 -13.17 -19.18
CA LYS B 49 -7.49 -12.00 -19.34
C LYS B 49 -6.85 -10.93 -20.23
N ILE B 50 -5.55 -10.70 -20.05
CA ILE B 50 -4.82 -9.74 -20.88
C ILE B 50 -4.83 -10.21 -22.34
N GLU B 51 -4.65 -11.52 -22.55
CA GLU B 51 -4.70 -12.10 -23.89
C GLU B 51 -6.04 -11.84 -24.56
N LYS B 52 -7.14 -12.14 -23.86
CA LYS B 52 -8.48 -11.93 -24.39
C LYS B 52 -8.74 -10.46 -24.70
N HIS B 53 -8.21 -9.58 -23.87
CA HIS B 53 -8.29 -8.14 -24.07
C HIS B 53 -7.56 -7.71 -25.35
N LEU B 54 -6.33 -8.18 -25.52
CA LEU B 54 -5.51 -7.86 -26.69
C LEU B 54 -6.11 -8.39 -28.00
N LYS B 55 -6.74 -9.56 -27.92
CA LYS B 55 -7.42 -10.15 -29.07
C LYS B 55 -8.75 -9.45 -29.36
N GLY B 56 -9.17 -8.57 -28.45
CA GLY B 56 -10.40 -7.80 -28.60
C GLY B 56 -11.66 -8.59 -28.26
N GLU B 57 -11.50 -9.71 -27.57
CA GLU B 57 -12.61 -10.58 -27.19
C GLU B 57 -13.36 -10.08 -25.96
N ILE B 58 -12.61 -9.47 -25.05
CA ILE B 58 -13.18 -8.80 -23.88
C ILE B 58 -12.48 -7.46 -23.70
N GLN B 59 -13.04 -6.60 -22.84
CA GLN B 59 -12.33 -5.43 -22.37
C GLN B 59 -12.15 -5.54 -20.87
N ILE B 60 -10.89 -5.48 -20.42
CA ILE B 60 -10.59 -5.63 -19.01
C ILE B 60 -10.37 -4.27 -18.33
N ASP B 61 -10.51 -4.26 -17.00
CA ASP B 61 -9.99 -3.18 -16.19
C ASP B 61 -8.50 -3.44 -16.12
N VAL B 62 -7.72 -2.67 -16.87
CA VAL B 62 -6.29 -2.88 -17.02
C VAL B 62 -5.57 -2.78 -15.67
N ARG B 63 -5.92 -1.76 -14.90
CA ARG B 63 -5.34 -1.58 -13.56
C ARG B 63 -5.59 -2.79 -12.67
N ALA B 64 -6.84 -3.26 -12.65
CA ALA B 64 -7.22 -4.35 -11.77
C ALA B 64 -6.52 -5.65 -12.14
N VAL B 65 -6.51 -5.97 -13.43
CA VAL B 65 -5.88 -7.21 -13.89
C VAL B 65 -4.36 -7.16 -13.70
N MET B 66 -3.75 -5.98 -13.90
CA MET B 66 -2.32 -5.86 -13.62
C MET B 66 -1.98 -5.94 -12.14
N ARG B 67 -2.87 -5.43 -11.27
CA ARG B 67 -2.73 -5.64 -9.83
C ARG B 67 -2.75 -7.14 -9.49
N ASP B 68 -3.66 -7.89 -10.12
CA ASP B 68 -3.74 -9.33 -9.94
C ASP B 68 -2.47 -10.01 -10.43
N PHE B 69 -2.00 -9.61 -11.61
CA PHE B 69 -0.75 -10.16 -12.14
C PHE B 69 0.43 -9.87 -11.19
N SER B 70 0.53 -8.61 -10.75
CA SER B 70 1.61 -8.20 -9.85
C SER B 70 1.66 -9.07 -8.61
N PHE B 71 0.54 -9.20 -7.91
CA PHE B 71 0.51 -9.94 -6.67
C PHE B 71 0.87 -11.41 -6.88
N ASN B 72 0.26 -12.03 -7.88
CA ASN B 72 0.43 -13.45 -8.10
C ASN B 72 1.76 -13.82 -8.73
N TYR B 73 2.21 -13.04 -9.70
CA TYR B 73 3.55 -13.21 -10.23
C TYR B 73 4.58 -13.09 -9.10
N ALA B 74 4.45 -12.04 -8.30
CA ALA B 74 5.37 -11.83 -7.18
C ALA B 74 5.33 -13.01 -6.22
N GLY B 75 4.13 -13.49 -5.89
CA GLY B 75 4.02 -14.68 -5.04
C GLY B 75 4.75 -15.87 -5.63
N HIS B 76 4.56 -16.07 -6.93
CA HIS B 76 5.22 -17.17 -7.62
C HIS B 76 6.75 -17.05 -7.57
N ILE B 77 7.31 -15.91 -7.99
CA ILE B 77 8.77 -15.80 -8.00
C ILE B 77 9.37 -15.86 -6.59
N MET B 78 8.70 -15.23 -5.62
CA MET B 78 9.21 -15.24 -4.25
C MET B 78 9.26 -16.66 -3.66
N HIS B 79 8.21 -17.45 -3.87
CA HIS B 79 8.23 -18.84 -3.41
C HIS B 79 9.22 -19.70 -4.19
N THR B 80 9.36 -19.41 -5.48
CA THR B 80 10.33 -20.09 -6.33
C THR B 80 11.76 -19.94 -5.80
N ILE B 81 12.09 -18.77 -5.25
CA ILE B 81 13.39 -18.54 -4.63
C ILE B 81 13.44 -19.15 -3.23
N PHE B 82 12.34 -19.02 -2.49
CA PHE B 82 12.23 -19.48 -1.10
C PHE B 82 12.57 -20.97 -0.92
N TRP B 83 12.05 -21.84 -1.78
CA TRP B 83 12.28 -23.28 -1.57
C TRP B 83 13.76 -23.69 -1.66
N PRO B 84 14.44 -23.39 -2.78
CA PRO B 84 15.87 -23.74 -2.86
C PRO B 84 16.77 -22.91 -1.94
N ASN B 85 16.26 -21.79 -1.42
CA ASN B 85 16.96 -21.04 -0.37
C ASN B 85 17.09 -21.85 0.91
N MET B 86 16.33 -22.94 1.00
CA MET B 86 16.40 -23.84 2.15
C MET B 86 16.92 -25.21 1.73
N ALA B 87 17.38 -25.97 2.72
CA ALA B 87 17.87 -27.33 2.50
C ALA B 87 17.74 -28.09 3.80
N PRO B 88 17.64 -29.43 3.72
CA PRO B 88 17.60 -30.21 4.95
C PRO B 88 18.77 -29.88 5.87
N PRO B 89 18.55 -29.87 7.20
CA PRO B 89 19.63 -29.51 8.14
C PRO B 89 20.88 -30.35 7.88
N GLY B 90 22.02 -29.67 7.77
CA GLY B 90 23.27 -30.30 7.33
C GLY B 90 23.76 -29.54 6.12
N LYS B 91 23.14 -29.79 4.97
CA LYS B 91 23.32 -28.94 3.79
C LYS B 91 22.78 -27.55 4.12
N GLY B 92 21.63 -27.54 4.80
CA GLY B 92 21.04 -26.29 5.29
C GLY B 92 21.57 -25.92 6.67
N GLY B 93 21.58 -24.62 6.97
CA GLY B 93 21.99 -24.11 8.27
C GLY B 93 23.43 -23.65 8.31
N GLY B 94 23.88 -23.28 9.51
CA GLY B 94 25.27 -22.90 9.71
C GLY B 94 25.60 -21.50 9.21
N THR B 95 26.89 -21.30 8.90
CA THR B 95 27.42 -19.98 8.57
C THR B 95 28.00 -19.99 7.15
N PRO B 96 27.68 -18.94 6.35
CA PRO B 96 28.16 -18.88 4.97
C PRO B 96 29.66 -18.62 4.83
N GLY B 97 30.21 -19.06 3.70
CA GLY B 97 31.58 -18.74 3.32
C GLY B 97 31.59 -18.00 2.00
N GLY B 98 32.73 -18.05 1.31
CA GLY B 98 32.85 -17.52 -0.05
C GLY B 98 32.51 -16.05 -0.23
N ARG B 99 31.89 -15.75 -1.37
CA ARG B 99 31.55 -14.39 -1.76
C ARG B 99 30.48 -13.77 -0.86
N VAL B 100 29.54 -14.59 -0.40
CA VAL B 100 28.48 -14.11 0.47
C VAL B 100 29.05 -13.63 1.82
N ALA B 101 29.95 -14.43 2.40
CA ALA B 101 30.60 -14.05 3.65
C ALA B 101 31.44 -12.77 3.49
N ASP B 102 32.12 -12.66 2.35
CA ASP B 102 32.94 -11.49 2.05
C ASP B 102 32.10 -10.20 1.99
N LEU B 103 31.00 -10.24 1.24
CA LEU B 103 30.11 -9.08 1.16
C LEU B 103 29.39 -8.80 2.48
N ILE B 104 29.08 -9.85 3.23
CA ILE B 104 28.49 -9.69 4.58
C ILE B 104 29.46 -8.97 5.54
N GLU B 105 30.75 -9.29 5.42
CA GLU B 105 31.78 -8.57 6.18
C GLU B 105 31.82 -7.10 5.77
N LYS B 106 31.88 -6.83 4.47
CA LYS B 106 31.99 -5.46 3.96
C LYS B 106 30.74 -4.61 4.21
N GLN B 107 29.56 -5.16 3.94
CA GLN B 107 28.32 -4.42 4.07
C GLN B 107 27.81 -4.31 5.51
N PHE B 108 27.96 -5.37 6.28
CA PHE B 108 27.29 -5.45 7.60
C PHE B 108 28.21 -5.59 8.81
N GLY B 109 29.50 -5.77 8.57
CA GLY B 109 30.45 -5.96 9.67
C GLY B 109 30.43 -7.36 10.26
N GLY B 110 30.10 -8.34 9.43
CA GLY B 110 30.18 -9.74 9.82
C GLY B 110 28.86 -10.44 9.95
N PHE B 111 28.91 -11.76 10.10
CA PHE B 111 27.70 -12.57 10.11
C PHE B 111 26.75 -12.28 11.26
N GLU B 112 27.29 -12.11 12.47
CA GLU B 112 26.43 -11.88 13.62
C GLU B 112 25.61 -10.59 13.50
N LYS B 113 26.25 -9.52 13.02
CA LYS B 113 25.54 -8.26 12.79
C LYS B 113 24.52 -8.38 11.66
N PHE B 114 24.90 -9.05 10.57
CA PHE B 114 23.97 -9.32 9.48
C PHE B 114 22.76 -10.11 9.98
N LYS B 115 23.01 -11.17 10.72
CA LYS B 115 21.95 -12.05 11.20
C LYS B 115 20.96 -11.28 12.08
N ALA B 116 21.48 -10.46 12.98
CA ALA B 116 20.65 -9.63 13.85
C ALA B 116 19.78 -8.67 13.03
N LEU B 117 20.36 -8.04 12.01
CA LEU B 117 19.63 -7.10 11.19
C LEU B 117 18.58 -7.78 10.31
N PHE B 118 18.97 -8.87 9.66
CA PHE B 118 18.05 -9.64 8.83
C PHE B 118 16.90 -10.19 9.66
N SER B 119 17.22 -10.75 10.83
CA SER B 119 16.20 -11.28 11.74
C SER B 119 15.23 -10.18 12.18
N ALA B 120 15.76 -9.00 12.50
CA ALA B 120 14.91 -7.88 12.89
C ALA B 120 13.98 -7.46 11.74
N ALA B 121 14.53 -7.39 10.53
CA ALA B 121 13.73 -7.07 9.35
C ALA B 121 12.60 -8.08 9.15
N ALA B 122 12.91 -9.36 9.28
CA ALA B 122 11.91 -10.41 9.10
C ALA B 122 10.83 -10.38 10.19
N LYS B 123 11.27 -10.28 11.43
CA LYS B 123 10.35 -10.31 12.57
C LYS B 123 9.37 -9.14 12.56
N THR B 124 9.82 -7.98 12.07
CA THR B 124 9.02 -6.76 12.16
C THR B 124 8.29 -6.36 10.86
N VAL B 125 8.13 -7.30 9.93
CA VAL B 125 7.27 -7.07 8.77
C VAL B 125 5.86 -6.79 9.31
N GLU B 126 5.27 -5.69 8.87
CA GLU B 126 3.93 -5.33 9.31
C GLU B 126 2.90 -6.04 8.46
N GLY B 127 2.09 -6.88 9.09
CA GLY B 127 1.22 -7.79 8.35
C GLY B 127 2.04 -8.94 7.80
N VAL B 128 1.65 -9.41 6.63
CA VAL B 128 2.36 -10.52 6.00
C VAL B 128 3.36 -9.98 4.99
N GLY B 129 4.42 -10.75 4.76
CA GLY B 129 5.44 -10.36 3.79
C GLY B 129 6.69 -11.19 3.90
N TRP B 130 7.83 -10.55 3.60
CA TRP B 130 9.10 -11.24 3.43
C TRP B 130 10.24 -10.41 3.99
N GLY B 131 11.24 -11.08 4.54
CA GLY B 131 12.55 -10.47 4.75
C GLY B 131 13.40 -10.82 3.54
N VAL B 132 14.14 -9.84 3.01
CA VAL B 132 14.84 -10.02 1.75
C VAL B 132 16.28 -9.54 1.83
N LEU B 133 17.22 -10.41 1.47
CA LEU B 133 18.60 -10.01 1.20
C LEU B 133 18.76 -9.96 -0.32
N ALA B 134 19.15 -8.81 -0.82
CA ALA B 134 19.21 -8.56 -2.25
C ALA B 134 20.56 -8.03 -2.68
N PHE B 135 20.88 -8.27 -3.96
CA PHE B 135 22.06 -7.71 -4.58
C PHE B 135 21.65 -6.47 -5.37
N ASP B 136 22.32 -5.35 -5.12
CA ASP B 136 22.01 -4.09 -5.77
C ASP B 136 22.86 -3.94 -7.02
N PRO B 137 22.24 -3.94 -8.22
CA PRO B 137 23.02 -3.82 -9.46
C PRO B 137 23.74 -2.48 -9.62
N LEU B 138 23.28 -1.45 -8.93
CA LEU B 138 23.85 -0.12 -9.07
C LEU B 138 25.18 0.06 -8.32
N THR B 139 25.37 -0.71 -7.25
CA THR B 139 26.56 -0.59 -6.40
C THR B 139 27.31 -1.91 -6.26
N GLU B 140 26.70 -2.99 -6.72
CA GLU B 140 27.21 -4.35 -6.52
C GLU B 140 27.44 -4.67 -5.04
N GLU B 141 26.49 -4.23 -4.22
CA GLU B 141 26.50 -4.48 -2.78
C GLU B 141 25.20 -5.13 -2.34
N LEU B 142 25.24 -5.77 -1.17
CA LEU B 142 24.05 -6.34 -0.56
C LEU B 142 23.19 -5.28 0.10
N ARG B 143 21.89 -5.50 0.06
CA ARG B 143 20.91 -4.63 0.72
C ARG B 143 19.87 -5.53 1.35
N ILE B 144 19.42 -5.17 2.55
CA ILE B 144 18.30 -5.86 3.19
C ILE B 144 17.07 -4.96 3.15
N LEU B 145 15.91 -5.56 2.84
CA LEU B 145 14.66 -4.81 2.91
C LEU B 145 13.52 -5.75 3.30
N GLN B 146 12.36 -5.15 3.56
CA GLN B 146 11.12 -5.89 3.77
C GLN B 146 10.24 -5.77 2.53
N VAL B 147 9.43 -6.79 2.31
CA VAL B 147 8.38 -6.73 1.30
C VAL B 147 7.09 -7.06 2.02
N GLU B 148 6.07 -6.25 1.82
CA GLU B 148 4.73 -6.55 2.34
C GLU B 148 3.89 -7.23 1.26
N LYS B 149 2.97 -8.10 1.66
CA LYS B 149 2.31 -9.01 0.71
C LYS B 149 3.42 -9.69 -0.10
N HIS B 150 3.33 -9.68 -1.42
CA HIS B 150 4.44 -10.12 -2.26
C HIS B 150 5.04 -8.99 -3.08
N ASN B 151 4.36 -7.85 -3.08
CA ASN B 151 4.52 -6.85 -4.12
C ASN B 151 4.34 -5.44 -3.61
N VAL B 152 4.70 -5.22 -2.34
CA VAL B 152 4.65 -3.89 -1.75
C VAL B 152 5.99 -3.68 -1.08
N LEU B 153 6.63 -2.54 -1.39
CA LEU B 153 8.00 -2.20 -0.94
C LEU B 153 9.11 -2.82 -1.76
N MET B 154 8.79 -3.81 -2.59
CA MET B 154 9.80 -4.31 -3.51
C MET B 154 10.11 -3.23 -4.55
N THR B 155 11.36 -3.17 -4.96
CA THR B 155 11.80 -2.18 -5.94
C THR B 155 12.32 -2.88 -7.19
N ALA B 156 12.42 -2.13 -8.28
CA ALA B 156 13.17 -2.58 -9.44
C ALA B 156 14.65 -2.71 -9.08
N GLY B 157 15.37 -3.47 -9.90
CA GLY B 157 16.82 -3.57 -9.79
C GLY B 157 17.31 -4.62 -8.83
N LEU B 158 17.01 -4.42 -7.54
CA LEU B 158 17.44 -5.33 -6.48
C LEU B 158 17.09 -6.77 -6.81
N VAL B 159 18.10 -7.64 -6.73
CA VAL B 159 17.94 -9.07 -7.03
C VAL B 159 17.92 -9.84 -5.72
N PRO B 160 16.77 -10.40 -5.33
CA PRO B 160 16.75 -11.23 -4.12
C PRO B 160 17.62 -12.47 -4.25
N ILE B 161 18.49 -12.68 -3.27
CA ILE B 161 19.33 -13.88 -3.23
C ILE B 161 19.03 -14.78 -2.03
N LEU B 162 18.36 -14.22 -1.02
CA LEU B 162 17.90 -14.96 0.14
C LEU B 162 16.63 -14.31 0.66
N VAL B 163 15.57 -15.10 0.77
CA VAL B 163 14.29 -14.59 1.24
C VAL B 163 13.73 -15.46 2.36
N ILE B 164 13.05 -14.84 3.32
CA ILE B 164 12.29 -15.59 4.31
C ILE B 164 10.83 -15.16 4.25
N ASP B 165 9.94 -16.14 4.12
CA ASP B 165 8.51 -15.91 4.11
C ASP B 165 8.03 -15.73 5.54
N VAL B 166 7.44 -14.58 5.86
CA VAL B 166 6.84 -14.37 7.17
C VAL B 166 5.33 -14.10 7.07
N TRP B 167 4.73 -14.52 5.97
CA TRP B 167 3.27 -14.68 5.96
C TRP B 167 2.91 -15.64 7.09
N GLU B 168 1.74 -15.43 7.70
CA GLU B 168 1.34 -16.26 8.81
C GLU B 168 1.26 -17.75 8.43
N HIS B 169 0.84 -18.04 7.20
CA HIS B 169 0.75 -19.43 6.76
C HIS B 169 2.10 -20.15 6.74
N ALA B 170 3.19 -19.39 6.76
CA ALA B 170 4.52 -19.99 6.72
C ALA B 170 4.93 -20.62 8.06
N TYR B 171 4.22 -20.27 9.13
CA TYR B 171 4.65 -20.70 10.45
C TYR B 171 3.54 -21.00 11.46
N TYR B 172 2.33 -20.52 11.20
CA TYR B 172 1.31 -20.50 12.25
C TYR B 172 0.97 -21.86 12.86
N LEU B 173 0.89 -22.89 12.02
CA LEU B 173 0.51 -24.22 12.52
C LEU B 173 1.48 -24.74 13.57
N GLN B 174 2.75 -24.35 13.46
CA GLN B 174 3.81 -24.88 14.29
C GLN B 174 4.22 -23.89 15.39
N TYR B 175 4.39 -22.63 15.00
CA TYR B 175 4.90 -21.59 15.91
C TYR B 175 3.81 -20.67 16.44
N LYS B 176 2.58 -20.86 15.96
CA LYS B 176 1.46 -20.01 16.36
C LYS B 176 1.81 -18.55 16.09
N ASN B 177 1.50 -17.67 17.02
CA ASN B 177 1.82 -16.24 16.90
C ASN B 177 3.32 -15.92 16.98
N ASP B 178 4.12 -16.91 17.40
CA ASP B 178 5.52 -16.67 17.70
C ASP B 178 6.39 -16.67 16.44
N ARG B 179 6.23 -15.61 15.65
CA ARG B 179 7.02 -15.42 14.44
C ARG B 179 8.50 -15.36 14.78
N GLY B 180 8.82 -14.75 15.93
CA GLY B 180 10.20 -14.64 16.37
C GLY B 180 10.92 -15.98 16.46
N SER B 181 10.24 -16.97 17.05
CA SER B 181 10.80 -18.31 17.18
C SER B 181 10.96 -18.98 15.81
N TYR B 182 9.97 -18.78 14.93
CA TYR B 182 10.06 -19.27 13.57
C TYR B 182 11.31 -18.73 12.85
N VAL B 183 11.50 -17.41 12.90
CA VAL B 183 12.64 -16.78 12.27
C VAL B 183 13.96 -17.33 12.83
N GLU B 184 14.05 -17.45 14.16
CA GLU B 184 15.24 -18.02 14.80
C GLU B 184 15.52 -19.45 14.33
N ASN B 185 14.46 -20.23 14.18
CA ASN B 185 14.59 -21.63 13.74
C ASN B 185 14.90 -21.78 12.25
N TRP B 186 14.39 -20.86 11.44
CA TRP B 186 14.60 -20.89 9.99
C TRP B 186 16.08 -20.85 9.60
N TRP B 187 16.92 -20.19 10.40
CA TRP B 187 18.34 -20.12 10.09
C TRP B 187 18.98 -21.49 9.98
N ASN B 188 18.38 -22.48 10.65
CA ASN B 188 18.89 -23.85 10.66
C ASN B 188 18.70 -24.60 9.35
N VAL B 189 17.92 -24.03 8.44
CA VAL B 189 17.68 -24.68 7.14
C VAL B 189 18.09 -23.80 5.95
N VAL B 190 18.80 -22.71 6.20
CA VAL B 190 19.26 -21.84 5.11
C VAL B 190 20.29 -22.56 4.26
N ASN B 191 20.04 -22.59 2.95
CA ASN B 191 20.92 -23.25 2.00
C ASN B 191 21.93 -22.24 1.48
N TRP B 192 23.04 -22.08 2.20
CA TRP B 192 24.03 -21.09 1.83
C TRP B 192 24.71 -21.36 0.48
N ASP B 193 24.79 -22.63 0.09
CA ASP B 193 25.30 -22.99 -1.23
C ASP B 193 24.42 -22.39 -2.34
N ASP B 194 23.10 -22.41 -2.14
CA ASP B 194 22.17 -21.80 -3.08
C ASP B 194 22.33 -20.28 -3.12
N VAL B 195 22.45 -19.66 -1.95
CA VAL B 195 22.62 -18.20 -1.86
C VAL B 195 23.93 -17.79 -2.55
N GLU B 196 24.97 -18.58 -2.33
CA GLU B 196 26.29 -18.33 -2.95
C GLU B 196 26.20 -18.37 -4.47
N LYS B 197 25.51 -19.39 -5.00
CA LYS B 197 25.31 -19.51 -6.44
C LYS B 197 24.53 -18.33 -7.02
N ARG B 198 23.51 -17.88 -6.28
CA ARG B 198 22.72 -16.71 -6.70
C ARG B 198 23.58 -15.45 -6.71
N LEU B 199 24.43 -15.30 -5.71
CA LEU B 199 25.32 -14.15 -5.66
C LEU B 199 26.32 -14.17 -6.81
N GLU B 200 26.86 -15.35 -7.11
CA GLU B 200 27.79 -15.49 -8.24
C GLU B 200 27.13 -15.01 -9.53
N GLN B 201 25.89 -15.45 -9.77
CA GLN B 201 25.16 -15.03 -10.97
C GLN B 201 24.92 -13.52 -10.97
N ALA B 202 24.55 -12.98 -9.82
CA ALA B 202 24.30 -11.53 -9.70
C ALA B 202 25.54 -10.70 -9.98
N LEU B 203 26.68 -11.13 -9.44
CA LEU B 203 27.96 -10.45 -9.67
C LEU B 203 28.33 -10.41 -11.16
N ASN B 204 28.01 -11.48 -11.88
CA ASN B 204 28.29 -11.57 -13.31
C ASN B 204 27.29 -10.85 -14.19
N ASN B 205 26.02 -10.86 -13.79
CA ASN B 205 24.90 -10.51 -14.68
C ASN B 205 24.04 -9.29 -14.34
N ALA B 206 23.98 -8.90 -13.07
CA ALA B 206 22.98 -7.91 -12.63
C ALA B 206 23.24 -6.47 -13.12
N LYS B 207 24.45 -5.97 -12.91
CA LYS B 207 24.77 -4.59 -13.25
C LYS B 207 24.42 -4.16 -14.70
N PRO B 208 24.85 -4.96 -15.72
CA PRO B 208 24.56 -4.62 -17.13
C PRO B 208 23.09 -4.46 -17.52
N LEU B 209 22.16 -4.97 -16.71
CA LEU B 209 20.72 -4.83 -17.01
C LEU B 209 20.26 -3.39 -16.95
N TYR B 210 21.01 -2.57 -16.23
CA TYR B 210 20.57 -1.22 -15.87
C TYR B 210 21.55 -0.14 -16.30
N LEU B 211 22.83 -0.39 -16.01
CA LEU B 211 23.90 0.46 -16.46
C LEU B 211 24.56 -0.25 -17.65
N LEU B 212 24.19 0.17 -18.86
CA LEU B 212 24.58 -0.52 -20.09
C LEU B 212 26.10 -0.56 -20.29
N PRO B 213 26.62 -1.71 -20.77
CA PRO B 213 28.05 -1.85 -21.04
C PRO B 213 28.44 -1.36 -22.43
N MET C 1 -35.35 -3.72 -3.78
CA MET C 1 -34.03 -3.13 -4.13
C MET C 1 -34.20 -1.76 -4.78
N VAL C 2 -33.63 -0.74 -4.12
CA VAL C 2 -33.64 0.62 -4.64
C VAL C 2 -32.24 1.04 -5.08
N SER C 3 -32.15 1.75 -6.19
CA SER C 3 -30.88 2.21 -6.73
C SER C 3 -30.17 3.15 -5.75
N PHE C 4 -28.85 3.00 -5.66
CA PHE C 4 -28.03 3.76 -4.70
C PHE C 4 -28.19 5.28 -4.85
N LYS C 5 -28.11 5.97 -3.72
CA LYS C 5 -28.05 7.42 -3.71
C LYS C 5 -26.69 7.86 -4.23
N ARG C 6 -26.70 8.71 -5.26
CA ARG C 6 -25.48 9.17 -5.91
C ARG C 6 -24.74 10.19 -5.07
N TYR C 7 -23.41 10.17 -5.18
CA TYR C 7 -22.58 11.21 -4.63
C TYR C 7 -22.66 12.44 -5.51
N GLU C 8 -22.52 13.61 -4.90
CA GLU C 8 -22.63 14.88 -5.61
C GLU C 8 -21.43 15.76 -5.30
N LEU C 9 -21.01 16.57 -6.27
CA LEU C 9 -19.95 17.52 -6.07
C LEU C 9 -20.47 18.71 -5.26
N PRO C 10 -19.90 18.94 -4.06
CA PRO C 10 -20.34 20.07 -3.25
C PRO C 10 -19.77 21.36 -3.82
N PRO C 11 -20.57 22.44 -3.85
CA PRO C 11 -20.02 23.71 -4.31
C PRO C 11 -18.95 24.22 -3.34
N LEU C 12 -18.01 25.01 -3.86
CA LEU C 12 -17.04 25.67 -2.99
C LEU C 12 -17.76 26.69 -2.09
N PRO C 13 -17.26 26.88 -0.86
CA PRO C 13 -17.85 27.88 0.06
C PRO C 13 -17.47 29.32 -0.26
N TYR C 14 -16.66 29.52 -1.31
CA TYR C 14 -16.09 30.82 -1.66
C TYR C 14 -15.74 30.83 -3.14
N ASN C 15 -15.38 32.01 -3.65
CA ASN C 15 -14.92 32.16 -5.03
C ASN C 15 -13.62 31.41 -5.28
N TYR C 16 -13.38 31.03 -6.54
CA TYR C 16 -12.15 30.32 -6.92
C TYR C 16 -10.89 31.10 -6.54
N ASN C 17 -10.96 32.42 -6.54
CA ASN C 17 -9.81 33.28 -6.24
C ASN C 17 -9.75 33.77 -4.80
N ALA C 18 -10.67 33.27 -3.96
CA ALA C 18 -10.84 33.78 -2.60
C ALA C 18 -9.69 33.43 -1.64
N LEU C 19 -8.88 32.43 -2.01
CA LEU C 19 -7.78 31.98 -1.14
C LEU C 19 -6.43 32.58 -1.53
N GLU C 20 -6.45 33.49 -2.51
CA GLU C 20 -5.26 34.22 -2.91
C GLU C 20 -4.81 35.18 -1.80
N PRO C 21 -3.49 35.42 -1.69
CA PRO C 21 -2.40 34.95 -2.53
C PRO C 21 -1.88 33.53 -2.22
N TYR C 22 -2.46 32.89 -1.21
CA TYR C 22 -1.93 31.63 -0.67
C TYR C 22 -2.15 30.42 -1.57
N ILE C 23 -3.32 30.32 -2.18
CA ILE C 23 -3.59 29.31 -3.20
C ILE C 23 -4.25 29.99 -4.38
N ILE C 24 -3.60 29.93 -5.54
CA ILE C 24 -4.05 30.67 -6.72
C ILE C 24 -5.36 30.13 -7.31
N GLU C 25 -6.08 31.01 -7.99
CA GLU C 25 -7.37 30.72 -8.62
C GLU C 25 -7.32 29.50 -9.54
N GLU C 26 -6.26 29.40 -10.34
CA GLU C 26 -6.15 28.29 -11.30
C GLU C 26 -6.13 26.92 -10.62
N ILE C 27 -5.39 26.82 -9.51
CA ILE C 27 -5.37 25.59 -8.72
C ILE C 27 -6.77 25.27 -8.21
N MET C 28 -7.42 26.25 -7.57
CA MET C 28 -8.76 26.02 -7.03
C MET C 28 -9.75 25.53 -8.08
N LYS C 29 -9.69 26.12 -9.28
CA LYS C 29 -10.58 25.73 -10.37
C LYS C 29 -10.32 24.30 -10.84
N LEU C 30 -9.07 23.99 -11.16
CA LEU C 30 -8.69 22.65 -11.59
C LEU C 30 -8.99 21.62 -10.50
N HIS C 31 -8.64 21.98 -9.28
CA HIS C 31 -8.73 21.06 -8.16
C HIS C 31 -10.16 20.64 -7.89
N HIS C 32 -11.07 21.62 -7.87
CA HIS C 32 -12.49 21.38 -7.66
C HIS C 32 -13.17 20.79 -8.90
N GLN C 33 -12.98 21.45 -10.05
CA GLN C 33 -13.73 21.11 -11.27
C GLN C 33 -13.24 19.87 -11.99
N LYS C 34 -11.94 19.59 -11.90
CA LYS C 34 -11.39 18.39 -12.54
C LYS C 34 -11.22 17.27 -11.53
N HIS C 35 -10.38 17.48 -10.52
CA HIS C 35 -10.01 16.40 -9.60
C HIS C 35 -11.17 15.93 -8.71
N HIS C 36 -11.79 16.84 -7.97
CA HIS C 36 -12.87 16.41 -7.09
C HIS C 36 -14.02 15.79 -7.90
N ASN C 37 -14.38 16.41 -9.02
CA ASN C 37 -15.43 15.86 -9.87
C ASN C 37 -15.12 14.43 -10.33
N THR C 38 -13.85 14.17 -10.63
CA THR C 38 -13.44 12.83 -11.05
C THR C 38 -13.71 11.77 -9.96
N TYR C 39 -13.43 12.12 -8.70
CA TYR C 39 -13.67 11.18 -7.60
C TYR C 39 -15.16 10.91 -7.40
N VAL C 40 -15.98 11.95 -7.53
CA VAL C 40 -17.44 11.79 -7.45
C VAL C 40 -17.93 10.82 -8.53
N LYS C 41 -17.50 11.05 -9.77
CA LYS C 41 -17.86 10.19 -10.89
C LYS C 41 -17.36 8.76 -10.70
N GLY C 42 -16.14 8.63 -10.19
CA GLY C 42 -15.54 7.32 -9.94
C GLY C 42 -16.26 6.52 -8.87
N ALA C 43 -16.71 7.20 -7.81
CA ALA C 43 -17.42 6.53 -6.72
C ALA C 43 -18.78 6.03 -7.22
N ASN C 44 -19.47 6.88 -7.98
CA ASN C 44 -20.74 6.49 -8.58
C ASN C 44 -20.60 5.36 -9.59
N ALA C 45 -19.54 5.40 -10.39
CA ALA C 45 -19.28 4.35 -11.39
C ALA C 45 -19.06 2.98 -10.74
N ALA C 46 -18.35 2.95 -9.61
CA ALA C 46 -18.14 1.70 -8.88
C ALA C 46 -19.45 1.15 -8.35
N LEU C 47 -20.29 2.01 -7.78
CA LEU C 47 -21.58 1.58 -7.25
C LEU C 47 -22.54 1.09 -8.34
N GLU C 48 -22.45 1.70 -9.53
CA GLU C 48 -23.21 1.24 -10.70
C GLU C 48 -22.83 -0.20 -11.08
N LYS C 49 -21.54 -0.52 -11.00
CA LYS C 49 -21.08 -1.87 -11.28
C LYS C 49 -21.58 -2.87 -10.24
N ILE C 50 -21.56 -2.46 -8.98
CA ILE C 50 -22.09 -3.30 -7.90
C ILE C 50 -23.58 -3.57 -8.13
N GLU C 51 -24.32 -2.54 -8.54
CA GLU C 51 -25.74 -2.67 -8.85
C GLU C 51 -26.00 -3.69 -9.96
N LYS C 52 -25.26 -3.57 -11.06
CA LYS C 52 -25.41 -4.50 -12.18
C LYS C 52 -25.06 -5.94 -11.80
N HIS C 53 -24.08 -6.08 -10.90
CA HIS C 53 -23.70 -7.38 -10.35
C HIS C 53 -24.85 -7.98 -9.53
N LEU C 54 -25.43 -7.18 -8.65
CA LEU C 54 -26.54 -7.61 -7.80
C LEU C 54 -27.79 -7.97 -8.60
N LYS C 55 -27.96 -7.29 -9.74
CA LYS C 55 -29.10 -7.54 -10.63
C LYS C 55 -28.81 -8.63 -11.67
N GLY C 56 -27.64 -9.28 -11.53
CA GLY C 56 -27.25 -10.41 -12.37
C GLY C 56 -26.95 -10.10 -13.83
N GLU C 57 -26.68 -8.83 -14.12
CA GLU C 57 -26.39 -8.38 -15.49
C GLU C 57 -24.93 -8.60 -15.85
N ILE C 58 -24.05 -8.46 -14.85
CA ILE C 58 -22.61 -8.71 -15.01
C ILE C 58 -22.08 -9.50 -13.81
N GLN C 59 -20.90 -10.09 -13.97
CA GLN C 59 -20.19 -10.70 -12.85
C GLN C 59 -18.88 -9.94 -12.64
N ILE C 60 -18.83 -9.16 -11.56
CA ILE C 60 -17.69 -8.29 -11.30
C ILE C 60 -16.59 -8.95 -10.49
N ASP C 61 -15.39 -8.39 -10.62
CA ASP C 61 -14.31 -8.64 -9.68
C ASP C 61 -14.61 -7.75 -8.48
N VAL C 62 -15.13 -8.38 -7.42
CA VAL C 62 -15.57 -7.67 -6.22
C VAL C 62 -14.42 -6.87 -5.59
N ARG C 63 -13.24 -7.49 -5.50
CA ARG C 63 -12.06 -6.81 -4.97
C ARG C 63 -11.73 -5.55 -5.77
N ALA C 64 -11.69 -5.68 -7.10
CA ALA C 64 -11.32 -4.58 -7.98
C ALA C 64 -12.29 -3.42 -7.85
N VAL C 65 -13.58 -3.73 -7.88
CA VAL C 65 -14.60 -2.68 -7.87
C VAL C 65 -14.62 -1.99 -6.50
N MET C 66 -14.41 -2.77 -5.44
CA MET C 66 -14.35 -2.18 -4.10
C MET C 66 -13.09 -1.31 -3.90
N ARG C 67 -11.98 -1.70 -4.52
CA ARG C 67 -10.79 -0.84 -4.53
C ARG C 67 -11.09 0.50 -5.21
N ASP C 68 -11.81 0.44 -6.33
CA ASP C 68 -12.26 1.64 -7.05
C ASP C 68 -13.18 2.48 -6.17
N PHE C 69 -14.14 1.84 -5.53
CA PHE C 69 -15.02 2.56 -4.62
C PHE C 69 -14.25 3.21 -3.48
N SER C 70 -13.36 2.44 -2.87
CA SER C 70 -12.57 2.93 -1.75
C SER C 70 -11.83 4.21 -2.11
N PHE C 71 -11.05 4.16 -3.18
CA PHE C 71 -10.22 5.30 -3.56
C PHE C 71 -11.07 6.53 -3.89
N ASN C 72 -12.11 6.33 -4.70
CA ASN C 72 -12.92 7.45 -5.14
C ASN C 72 -13.85 8.01 -4.07
N TYR C 73 -14.48 7.15 -3.28
CA TYR C 73 -15.24 7.62 -2.13
C TYR C 73 -14.35 8.42 -1.19
N ALA C 74 -13.17 7.87 -0.88
CA ALA C 74 -12.23 8.57 0.00
C ALA C 74 -11.84 9.92 -0.59
N GLY C 75 -11.53 9.95 -1.88
CA GLY C 75 -11.22 11.21 -2.56
C GLY C 75 -12.34 12.21 -2.38
N HIS C 76 -13.57 11.72 -2.58
CA HIS C 76 -14.75 12.57 -2.45
C HIS C 76 -14.90 13.15 -1.05
N ILE C 77 -14.88 12.30 -0.02
CA ILE C 77 -15.11 12.78 1.33
C ILE C 77 -13.97 13.67 1.85
N MET C 78 -12.73 13.33 1.49
CA MET C 78 -11.58 14.12 1.92
C MET C 78 -11.61 15.55 1.33
N HIS C 79 -11.94 15.66 0.05
CA HIS C 79 -12.09 16.99 -0.57
C HIS C 79 -13.30 17.75 -0.03
N THR C 80 -14.38 17.03 0.25
CA THR C 80 -15.57 17.63 0.85
C THR C 80 -15.26 18.30 2.18
N ILE C 81 -14.36 17.70 2.96
CA ILE C 81 -13.91 18.30 4.22
C ILE C 81 -12.90 19.43 3.96
N PHE C 82 -12.02 19.21 2.98
CA PHE C 82 -10.93 20.14 2.65
C PHE C 82 -11.41 21.56 2.33
N TRP C 83 -12.44 21.68 1.50
CA TRP C 83 -12.88 23.02 1.07
C TRP C 83 -13.36 23.93 2.22
N PRO C 84 -14.37 23.49 3.00
CA PRO C 84 -14.82 24.33 4.12
C PRO C 84 -13.82 24.42 5.27
N ASN C 85 -12.82 23.53 5.28
CA ASN C 85 -11.68 23.65 6.19
C ASN C 85 -10.86 24.91 5.91
N MET C 86 -11.09 25.53 4.76
CA MET C 86 -10.41 26.78 4.40
C MET C 86 -11.41 27.93 4.29
N ALA C 87 -10.91 29.16 4.39
CA ALA C 87 -11.74 30.35 4.27
C ALA C 87 -10.84 31.51 3.81
N PRO C 88 -11.43 32.50 3.11
CA PRO C 88 -10.65 33.67 2.69
C PRO C 88 -9.92 34.31 3.87
N PRO C 89 -8.65 34.74 3.66
CA PRO C 89 -7.87 35.35 4.73
C PRO C 89 -8.68 36.42 5.47
N GLY C 90 -8.69 36.32 6.80
CA GLY C 90 -9.58 37.13 7.64
C GLY C 90 -10.42 36.17 8.45
N LYS C 91 -11.45 35.60 7.81
CA LYS C 91 -12.17 34.47 8.37
C LYS C 91 -11.23 33.28 8.48
N GLY C 92 -10.40 33.12 7.44
CA GLY C 92 -9.36 32.09 7.42
C GLY C 92 -8.05 32.60 7.98
N GLY C 93 -7.27 31.67 8.55
CA GLY C 93 -5.96 32.00 9.11
C GLY C 93 -5.97 32.23 10.60
N GLY C 94 -4.84 32.71 11.13
CA GLY C 94 -4.69 32.95 12.55
C GLY C 94 -4.67 31.68 13.38
N THR C 95 -5.08 31.80 14.63
CA THR C 95 -5.03 30.70 15.58
C THR C 95 -6.43 30.39 16.11
N PRO C 96 -6.67 29.11 16.47
CA PRO C 96 -8.00 28.74 16.95
C PRO C 96 -8.28 29.21 18.37
N GLY C 97 -9.56 29.30 18.70
CA GLY C 97 -10.01 29.48 20.07
C GLY C 97 -10.90 28.31 20.44
N GLY C 98 -11.70 28.50 21.48
CA GLY C 98 -12.73 27.52 21.86
C GLY C 98 -12.20 26.14 22.20
N ARG C 99 -13.00 25.13 21.87
CA ARG C 99 -12.70 23.74 22.21
C ARG C 99 -11.47 23.20 21.48
N VAL C 100 -11.27 23.64 20.24
CA VAL C 100 -10.10 23.26 19.46
C VAL C 100 -8.81 23.67 20.18
N ALA C 101 -8.75 24.93 20.59
CA ALA C 101 -7.60 25.43 21.34
C ALA C 101 -7.38 24.68 22.65
N ASP C 102 -8.48 24.32 23.32
CA ASP C 102 -8.43 23.58 24.58
C ASP C 102 -7.77 22.21 24.44
N LEU C 103 -8.24 21.43 23.46
CA LEU C 103 -7.70 20.09 23.23
C LEU C 103 -6.28 20.15 22.70
N ILE C 104 -5.98 21.14 21.87
CA ILE C 104 -4.63 21.35 21.36
C ILE C 104 -3.64 21.61 22.50
N GLU C 105 -4.05 22.39 23.49
CA GLU C 105 -3.23 22.64 24.68
C GLU C 105 -3.01 21.35 25.48
N LYS C 106 -4.09 20.59 25.69
CA LYS C 106 -4.03 19.35 26.45
C LYS C 106 -3.30 18.21 25.74
N GLN C 107 -3.57 18.02 24.46
CA GLN C 107 -2.95 16.93 23.69
C GLN C 107 -1.52 17.25 23.23
N PHE C 108 -1.28 18.48 22.80
CA PHE C 108 -0.03 18.81 22.10
C PHE C 108 0.85 19.83 22.81
N GLY C 109 0.38 20.35 23.94
CA GLY C 109 1.14 21.34 24.71
C GLY C 109 1.11 22.73 24.09
N GLY C 110 0.07 23.02 23.31
CA GLY C 110 -0.12 24.35 22.75
C GLY C 110 -0.13 24.41 21.23
N PHE C 111 -0.55 25.55 20.68
CA PHE C 111 -0.74 25.70 19.24
C PHE C 111 0.54 25.62 18.42
N GLU C 112 1.60 26.28 18.85
CA GLU C 112 2.84 26.28 18.08
C GLU C 112 3.45 24.87 18.00
N LYS C 113 3.37 24.12 19.10
CA LYS C 113 3.79 22.72 19.10
C LYS C 113 2.90 21.83 18.22
N PHE C 114 1.59 22.05 18.28
CA PHE C 114 0.65 21.38 17.38
C PHE C 114 0.96 21.71 15.92
N LYS C 115 1.14 23.00 15.62
CA LYS C 115 1.39 23.46 14.26
C LYS C 115 2.67 22.84 13.69
N ALA C 116 3.72 22.77 14.52
CA ALA C 116 4.98 22.16 14.11
C ALA C 116 4.79 20.68 13.75
N LEU C 117 4.03 19.97 14.58
CA LEU C 117 3.78 18.54 14.35
C LEU C 117 2.90 18.30 13.12
N PHE C 118 1.83 19.08 12.98
CA PHE C 118 0.92 18.93 11.85
C PHE C 118 1.63 19.29 10.54
N SER C 119 2.43 20.36 10.57
CA SER C 119 3.22 20.76 9.41
C SER C 119 4.19 19.65 9.00
N ALA C 120 4.86 19.06 9.97
CA ALA C 120 5.80 17.98 9.69
C ALA C 120 5.07 16.78 9.09
N ALA C 121 3.91 16.44 9.65
CA ALA C 121 3.09 15.37 9.10
C ALA C 121 2.71 15.62 7.64
N ALA C 122 2.28 16.83 7.33
CA ALA C 122 1.88 17.18 5.97
C ALA C 122 3.06 17.18 5.00
N LYS C 123 4.16 17.80 5.40
CA LYS C 123 5.33 17.93 4.54
C LYS C 123 5.97 16.58 4.20
N THR C 124 5.89 15.63 5.14
CA THR C 124 6.60 14.36 4.99
C THR C 124 5.73 13.20 4.49
N VAL C 125 4.55 13.50 3.95
CA VAL C 125 3.76 12.46 3.29
C VAL C 125 4.59 11.90 2.14
N GLU C 126 4.74 10.58 2.11
CA GLU C 126 5.52 9.96 1.05
C GLU C 126 4.61 9.70 -0.14
N GLY C 127 4.95 10.27 -1.28
CA GLY C 127 4.05 10.31 -2.43
C GLY C 127 2.98 11.37 -2.19
N VAL C 128 1.79 11.12 -2.71
CA VAL C 128 0.68 12.04 -2.53
C VAL C 128 -0.21 11.57 -1.38
N GLY C 129 -0.90 12.51 -0.74
CA GLY C 129 -1.77 12.18 0.36
C GLY C 129 -2.21 13.41 1.12
N TRP C 130 -2.40 13.23 2.43
CA TRP C 130 -3.06 14.21 3.29
C TRP C 130 -2.42 14.25 4.66
N GLY C 131 -2.33 15.44 5.24
CA GLY C 131 -2.14 15.57 6.69
C GLY C 131 -3.52 15.67 7.33
N VAL C 132 -3.72 14.95 8.43
CA VAL C 132 -5.05 14.82 9.03
C VAL C 132 -5.02 15.05 10.54
N LEU C 133 -5.86 15.96 11.01
CA LEU C 133 -6.16 16.08 12.42
C LEU C 133 -7.52 15.42 12.63
N ALA C 134 -7.56 14.42 13.50
CA ALA C 134 -8.77 13.63 13.71
C ALA C 134 -9.17 13.57 15.16
N PHE C 135 -10.46 13.33 15.40
CA PHE C 135 -11.00 13.09 16.72
C PHE C 135 -11.15 11.58 16.92
N ASP C 136 -10.57 11.06 18.00
CA ASP C 136 -10.61 9.63 18.30
C ASP C 136 -11.81 9.29 19.17
N PRO C 137 -12.79 8.51 18.64
CA PRO C 137 -13.97 8.17 19.43
C PRO C 137 -13.69 7.33 20.67
N LEU C 138 -12.58 6.59 20.67
CA LEU C 138 -12.26 5.69 21.78
C LEU C 138 -11.75 6.42 23.02
N THR C 139 -11.11 7.57 22.80
CA THR C 139 -10.49 8.33 23.89
C THR C 139 -11.01 9.75 24.02
N GLU C 140 -11.79 10.18 23.02
CA GLU C 140 -12.27 11.56 22.92
C GLU C 140 -11.13 12.57 22.94
N GLU C 141 -10.05 12.22 22.25
CA GLU C 141 -8.84 13.04 22.14
C GLU C 141 -8.49 13.25 20.67
N LEU C 142 -7.70 14.27 20.40
CA LEU C 142 -7.19 14.53 19.06
C LEU C 142 -6.02 13.62 18.72
N ARG C 143 -5.94 13.26 17.44
CA ARG C 143 -4.83 12.48 16.89
C ARG C 143 -4.42 13.06 15.55
N ILE C 144 -3.12 13.09 15.28
CA ILE C 144 -2.61 13.48 13.97
C ILE C 144 -2.10 12.23 13.24
N LEU C 145 -2.42 12.14 11.96
CA LEU C 145 -1.87 11.06 11.12
C LEU C 145 -1.73 11.53 9.69
N GLN C 146 -1.08 10.70 8.88
CA GLN C 146 -1.01 10.88 7.44
C GLN C 146 -1.92 9.89 6.74
N VAL C 147 -2.39 10.29 5.56
CA VAL C 147 -3.07 9.38 4.66
C VAL C 147 -2.36 9.43 3.32
N GLU C 148 -2.05 8.28 2.75
CA GLU C 148 -1.47 8.20 1.41
C GLU C 148 -2.56 7.94 0.39
N LYS C 149 -2.38 8.42 -0.84
CA LYS C 149 -3.49 8.52 -1.81
C LYS C 149 -4.66 9.16 -1.06
N HIS C 150 -5.83 8.51 -1.07
CA HIS C 150 -6.97 8.94 -0.25
C HIS C 150 -7.38 7.93 0.79
N ASN C 151 -6.82 6.73 0.65
CA ASN C 151 -7.39 5.54 1.28
C ASN C 151 -6.32 4.56 1.72
N VAL C 152 -5.16 5.09 2.12
CA VAL C 152 -4.07 4.26 2.63
C VAL C 152 -3.59 4.94 3.91
N LEU C 153 -3.52 4.14 4.98
CA LEU C 153 -3.19 4.59 6.35
C LEU C 153 -4.37 5.19 7.10
N MET C 154 -5.46 5.48 6.39
CA MET C 154 -6.67 5.88 7.10
C MET C 154 -7.22 4.68 7.88
N THR C 155 -7.79 4.96 9.04
CA THR C 155 -8.33 3.92 9.91
C THR C 155 -9.82 4.16 10.12
N ALA C 156 -10.51 3.12 10.59
CA ALA C 156 -11.86 3.25 11.10
C ALA C 156 -11.85 4.13 12.36
N GLY C 157 -13.01 4.67 12.68
CA GLY C 157 -13.21 5.40 13.94
C GLY C 157 -12.82 6.86 13.89
N LEU C 158 -11.53 7.12 13.66
CA LEU C 158 -11.00 8.49 13.63
C LEU C 158 -11.82 9.36 12.70
N VAL C 159 -12.23 10.52 13.23
CA VAL C 159 -13.04 11.46 12.47
C VAL C 159 -12.19 12.67 12.07
N PRO C 160 -11.86 12.83 10.77
CA PRO C 160 -11.07 13.99 10.38
C PRO C 160 -11.84 15.29 10.62
N ILE C 161 -11.22 16.24 11.30
CA ILE C 161 -11.81 17.56 11.51
C ILE C 161 -11.03 18.67 10.81
N LEU C 162 -9.78 18.39 10.47
CA LEU C 162 -8.95 19.31 9.69
C LEU C 162 -8.01 18.50 8.81
N VAL C 163 -8.05 18.77 7.51
CA VAL C 163 -7.20 18.05 6.55
C VAL C 163 -6.48 19.03 5.63
N ILE C 164 -5.25 18.67 5.26
CA ILE C 164 -4.53 19.39 4.22
C ILE C 164 -4.16 18.43 3.09
N ASP C 165 -4.54 18.79 1.87
CA ASP C 165 -4.21 18.02 0.69
C ASP C 165 -2.78 18.33 0.27
N VAL C 166 -1.94 17.29 0.23
CA VAL C 166 -0.57 17.45 -0.27
C VAL C 166 -0.28 16.60 -1.51
N TRP C 167 -1.34 16.22 -2.23
CA TRP C 167 -1.16 15.76 -3.59
C TRP C 167 -0.48 16.87 -4.38
N GLU C 168 0.34 16.49 -5.36
CA GLU C 168 1.07 17.49 -6.13
C GLU C 168 0.14 18.49 -6.82
N HIS C 169 -1.01 18.03 -7.28
CA HIS C 169 -1.98 18.93 -7.94
C HIS C 169 -2.52 20.04 -7.03
N ALA C 170 -2.37 19.88 -5.71
CA ALA C 170 -2.84 20.89 -4.77
C ALA C 170 -1.95 22.14 -4.73
N TYR C 171 -0.74 22.05 -5.27
CA TYR C 171 0.23 23.14 -5.13
C TYR C 171 1.17 23.38 -6.29
N TYR C 172 1.31 22.40 -7.19
CA TYR C 172 2.44 22.41 -8.13
C TYR C 172 2.48 23.63 -9.06
N LEU C 173 1.33 24.07 -9.54
CA LEU C 173 1.29 25.21 -10.45
C LEU C 173 1.85 26.49 -9.83
N GLN C 174 1.72 26.62 -8.53
CA GLN C 174 2.13 27.82 -7.81
C GLN C 174 3.49 27.63 -7.13
N TYR C 175 3.60 26.56 -6.33
CA TYR C 175 4.78 26.33 -5.49
C TYR C 175 5.80 25.40 -6.13
N LYS C 176 5.47 24.87 -7.30
CA LYS C 176 6.31 23.89 -8.00
C LYS C 176 6.60 22.71 -7.06
N ASN C 177 7.85 22.30 -6.96
CA ASN C 177 8.24 21.21 -6.07
C ASN C 177 8.20 21.57 -4.58
N ASP C 178 8.06 22.86 -4.27
CA ASP C 178 8.22 23.35 -2.90
C ASP C 178 6.95 23.14 -2.06
N ARG C 179 6.67 21.88 -1.73
CA ARG C 179 5.54 21.53 -0.89
C ARG C 179 5.62 22.21 0.48
N GLY C 180 6.84 22.35 1.01
CA GLY C 180 7.06 22.97 2.32
C GLY C 180 6.48 24.36 2.42
N SER C 181 6.72 25.18 1.39
CA SER C 181 6.21 26.54 1.36
C SER C 181 4.69 26.56 1.21
N TYR C 182 4.15 25.62 0.45
CA TYR C 182 2.70 25.45 0.33
C TYR C 182 2.08 25.19 1.70
N VAL C 183 2.64 24.21 2.41
CA VAL C 183 2.13 23.87 3.74
C VAL C 183 2.20 25.07 4.69
N GLU C 184 3.32 25.78 4.68
CA GLU C 184 3.48 26.96 5.52
C GLU C 184 2.43 28.04 5.21
N ASN C 185 2.14 28.25 3.93
CA ASN C 185 1.16 29.25 3.52
C ASN C 185 -0.29 28.83 3.75
N TRP C 186 -0.56 27.53 3.68
CA TRP C 186 -1.93 27.00 3.86
C TRP C 186 -2.52 27.39 5.21
N TRP C 187 -1.67 27.49 6.24
CA TRP C 187 -2.11 27.93 7.57
C TRP C 187 -2.84 29.26 7.55
N ASN C 188 -2.52 30.10 6.58
CA ASN C 188 -3.13 31.43 6.48
C ASN C 188 -4.55 31.43 5.94
N VAL C 189 -5.04 30.26 5.53
CA VAL C 189 -6.42 30.13 5.06
C VAL C 189 -7.25 29.10 5.86
N VAL C 190 -6.68 28.55 6.94
CA VAL C 190 -7.42 27.57 7.77
C VAL C 190 -8.64 28.23 8.41
N ASN C 191 -9.79 27.58 8.26
CA ASN C 191 -11.05 28.06 8.79
C ASN C 191 -11.32 27.43 10.15
N TRP C 192 -10.81 28.07 11.21
CA TRP C 192 -10.94 27.51 12.55
C TRP C 192 -12.38 27.41 13.03
N ASP C 193 -13.26 28.27 12.52
CA ASP C 193 -14.69 28.18 12.80
C ASP C 193 -15.25 26.82 12.34
N ASP C 194 -14.89 26.41 11.13
CA ASP C 194 -15.30 25.12 10.58
C ASP C 194 -14.75 23.95 11.41
N VAL C 195 -13.47 24.02 11.76
CA VAL C 195 -12.85 22.97 12.57
C VAL C 195 -13.52 22.85 13.93
N GLU C 196 -13.81 24.00 14.55
CA GLU C 196 -14.52 24.07 15.82
C GLU C 196 -15.90 23.40 15.76
N LYS C 197 -16.63 23.67 14.70
CA LYS C 197 -17.95 23.09 14.51
C LYS C 197 -17.88 21.57 14.34
N ARG C 198 -16.85 21.10 13.63
CA ARG C 198 -16.62 19.66 13.45
C ARG C 198 -16.27 18.98 14.77
N LEU C 199 -15.43 19.63 15.57
CA LEU C 199 -15.05 19.11 16.88
C LEU C 199 -16.25 19.02 17.82
N GLU C 200 -17.12 20.03 17.77
CA GLU C 200 -18.35 20.04 18.58
C GLU C 200 -19.20 18.82 18.25
N GLN C 201 -19.41 18.58 16.96
CA GLN C 201 -20.17 17.42 16.50
C GLN C 201 -19.52 16.12 16.91
N ALA C 202 -18.20 16.05 16.80
CA ALA C 202 -17.43 14.86 17.19
C ALA C 202 -17.50 14.58 18.70
N LEU C 203 -17.37 15.64 19.51
CA LEU C 203 -17.49 15.50 20.97
C LEU C 203 -18.87 15.03 21.40
N ASN C 204 -19.88 15.38 20.60
CA ASN C 204 -21.28 15.03 20.88
C ASN C 204 -21.69 13.67 20.30
N ASN C 205 -21.09 13.28 19.18
CA ASN C 205 -21.59 12.14 18.39
C ASN C 205 -20.66 10.94 18.21
N ALA C 206 -19.34 11.16 18.28
CA ALA C 206 -18.37 10.13 17.88
C ALA C 206 -18.28 8.91 18.82
N LYS C 207 -18.12 9.15 20.12
CA LYS C 207 -18.08 8.04 21.08
C LYS C 207 -19.45 7.34 21.21
N PRO C 208 -20.54 8.12 21.44
CA PRO C 208 -21.87 7.49 21.38
C PRO C 208 -22.11 6.72 20.07
N LEU C 209 -21.40 7.11 19.01
CA LEU C 209 -21.44 6.38 17.74
C LEU C 209 -20.84 4.99 17.86
N TYR C 210 -19.71 4.88 18.58
CA TYR C 210 -19.02 3.60 18.79
C TYR C 210 -19.23 3.06 20.20
N VAL D 2 -1.55 17.25 29.17
CA VAL D 2 -2.12 16.00 29.77
C VAL D 2 -1.70 14.79 28.93
N SER D 3 -1.11 13.80 29.60
CA SER D 3 -0.67 12.57 28.94
C SER D 3 -1.86 11.86 28.31
N PHE D 4 -1.66 11.36 27.10
CA PHE D 4 -2.72 10.69 26.32
C PHE D 4 -3.42 9.60 27.13
N LYS D 5 -4.71 9.41 26.86
CA LYS D 5 -5.47 8.31 27.45
C LYS D 5 -5.08 7.01 26.76
N ARG D 6 -4.63 6.05 27.56
CA ARG D 6 -4.16 4.75 27.04
C ARG D 6 -5.28 3.89 26.49
N TYR D 7 -4.99 3.22 25.38
CA TYR D 7 -5.88 2.18 24.88
C TYR D 7 -5.76 0.95 25.76
N GLU D 8 -6.86 0.21 25.86
CA GLU D 8 -6.94 -0.96 26.73
C GLU D 8 -7.52 -2.13 25.96
N LEU D 9 -7.04 -3.33 26.28
CA LEU D 9 -7.61 -4.55 25.74
C LEU D 9 -8.97 -4.81 26.40
N PRO D 10 -10.04 -4.86 25.60
CA PRO D 10 -11.34 -5.17 26.17
C PRO D 10 -11.47 -6.67 26.45
N PRO D 11 -12.23 -7.06 27.48
CA PRO D 11 -12.52 -8.48 27.63
C PRO D 11 -13.43 -8.91 26.50
N LEU D 12 -13.46 -10.21 26.19
CA LEU D 12 -14.43 -10.74 25.26
C LEU D 12 -15.82 -10.70 25.89
N PRO D 13 -16.89 -10.62 25.07
CA PRO D 13 -18.25 -10.67 25.58
C PRO D 13 -18.71 -12.08 25.99
N TYR D 14 -17.83 -13.06 25.84
CA TYR D 14 -18.14 -14.48 26.05
C TYR D 14 -16.85 -15.23 26.37
N ASN D 15 -16.97 -16.48 26.82
CA ASN D 15 -15.81 -17.33 27.07
C ASN D 15 -15.05 -17.67 25.78
N TYR D 16 -13.79 -18.05 25.93
CA TYR D 16 -12.94 -18.39 24.80
C TYR D 16 -13.47 -19.56 23.95
N ASN D 17 -14.21 -20.47 24.58
CA ASN D 17 -14.79 -21.62 23.87
C ASN D 17 -16.23 -21.41 23.38
N ALA D 18 -16.77 -20.21 23.58
CA ALA D 18 -18.19 -19.94 23.35
C ALA D 18 -18.63 -19.93 21.89
N LEU D 19 -17.68 -19.81 20.97
CA LEU D 19 -17.99 -19.75 19.54
C LEU D 19 -17.78 -21.09 18.84
N GLU D 20 -17.51 -22.12 19.64
CA GLU D 20 -17.36 -23.47 19.10
C GLU D 20 -18.70 -24.03 18.65
N PRO D 21 -18.71 -24.89 17.60
CA PRO D 21 -17.55 -25.42 16.88
C PRO D 21 -17.01 -24.54 15.76
N TYR D 22 -17.63 -23.37 15.54
CA TYR D 22 -17.32 -22.53 14.38
C TYR D 22 -15.96 -21.86 14.43
N ILE D 23 -15.57 -21.39 15.60
CA ILE D 23 -14.21 -20.91 15.83
C ILE D 23 -13.72 -21.54 17.13
N ILE D 24 -12.64 -22.32 17.03
CA ILE D 24 -12.13 -23.09 18.18
C ILE D 24 -11.49 -22.21 19.26
N GLU D 25 -11.50 -22.75 20.48
CA GLU D 25 -10.98 -22.06 21.66
C GLU D 25 -9.54 -21.56 21.52
N GLU D 26 -8.66 -22.39 20.95
CA GLU D 26 -7.25 -22.00 20.84
C GLU D 26 -7.10 -20.74 19.99
N ILE D 27 -7.88 -20.64 18.92
CA ILE D 27 -7.86 -19.43 18.08
C ILE D 27 -8.33 -18.22 18.88
N MET D 28 -9.48 -18.33 19.54
CA MET D 28 -10.00 -17.21 20.33
C MET D 28 -9.01 -16.73 21.38
N LYS D 29 -8.34 -17.67 22.05
CA LYS D 29 -7.34 -17.35 23.07
C LYS D 29 -6.14 -16.60 22.48
N LEU D 30 -5.52 -17.17 21.46
CA LEU D 30 -4.37 -16.54 20.81
C LEU D 30 -4.74 -15.20 20.19
N HIS D 31 -5.89 -15.18 19.54
CA HIS D 31 -6.34 -14.00 18.82
C HIS D 31 -6.51 -12.80 19.76
N HIS D 32 -7.13 -13.05 20.90
CA HIS D 32 -7.40 -12.01 21.90
C HIS D 32 -6.14 -11.67 22.70
N GLN D 33 -5.51 -12.71 23.27
CA GLN D 33 -4.41 -12.52 24.23
C GLN D 33 -3.09 -12.13 23.58
N LYS D 34 -2.86 -12.60 22.36
CA LYS D 34 -1.62 -12.29 21.65
C LYS D 34 -1.83 -11.17 20.62
N HIS D 35 -2.67 -11.42 19.63
CA HIS D 35 -2.80 -10.48 18.51
C HIS D 35 -3.44 -9.15 18.89
N HIS D 36 -4.65 -9.19 19.44
CA HIS D 36 -5.31 -7.94 19.82
C HIS D 36 -4.46 -7.16 20.82
N ASN D 37 -3.92 -7.86 21.83
CA ASN D 37 -3.08 -7.21 22.82
C ASN D 37 -1.86 -6.51 22.21
N THR D 38 -1.29 -7.12 21.16
CA THR D 38 -0.16 -6.52 20.47
C THR D 38 -0.53 -5.18 19.82
N TYR D 39 -1.73 -5.09 19.26
CA TYR D 39 -2.17 -3.84 18.63
C TYR D 39 -2.41 -2.75 19.66
N VAL D 40 -2.97 -3.13 20.80
CA VAL D 40 -3.17 -2.20 21.91
C VAL D 40 -1.82 -1.63 22.35
N LYS D 41 -0.86 -2.53 22.59
CA LYS D 41 0.48 -2.13 23.02
C LYS D 41 1.17 -1.24 21.97
N GLY D 42 1.02 -1.60 20.70
CA GLY D 42 1.61 -0.85 19.60
C GLY D 42 1.01 0.55 19.43
N ALA D 43 -0.30 0.67 19.64
CA ALA D 43 -0.97 1.97 19.54
C ALA D 43 -0.47 2.88 20.67
N ASN D 44 -0.42 2.34 21.88
CA ASN D 44 0.12 3.07 23.01
C ASN D 44 1.59 3.45 22.82
N ALA D 45 2.39 2.52 22.29
CA ALA D 45 3.81 2.78 22.07
C ALA D 45 4.04 3.93 21.08
N ALA D 46 3.21 4.00 20.04
CA ALA D 46 3.33 5.08 19.06
C ALA D 46 3.02 6.44 19.71
N LEU D 47 1.98 6.46 20.55
CA LEU D 47 1.63 7.68 21.26
C LEU D 47 2.66 8.10 22.31
N GLU D 48 3.32 7.13 22.93
CA GLU D 48 4.44 7.41 23.84
C GLU D 48 5.59 8.11 23.10
N LYS D 49 5.85 7.66 21.88
CA LYS D 49 6.87 8.29 21.04
C LYS D 49 6.48 9.72 20.68
N ILE D 50 5.22 9.90 20.30
CA ILE D 50 4.72 11.24 20.01
C ILE D 50 4.85 12.13 21.25
N GLU D 51 4.56 11.59 22.42
CA GLU D 51 4.66 12.35 23.68
C GLU D 51 6.10 12.79 23.97
N LYS D 52 7.05 11.88 23.84
CA LYS D 52 8.46 12.23 24.05
C LYS D 52 8.91 13.33 23.09
N HIS D 53 8.39 13.29 21.86
CA HIS D 53 8.64 14.33 20.86
C HIS D 53 8.04 15.67 21.29
N LEU D 54 6.79 15.62 21.75
CA LEU D 54 6.09 16.82 22.19
C LEU D 54 6.74 17.45 23.41
N LYS D 55 7.33 16.61 24.27
CA LYS D 55 8.05 17.08 25.46
C LYS D 55 9.44 17.59 25.11
N GLY D 56 9.81 17.48 23.82
CA GLY D 56 11.10 17.95 23.31
C GLY D 56 12.28 17.07 23.67
N GLU D 57 11.99 15.87 24.19
CA GLU D 57 13.03 14.96 24.68
C GLU D 57 13.72 14.22 23.54
N ILE D 58 12.94 13.81 22.55
CA ILE D 58 13.50 13.15 21.39
C ILE D 58 12.93 13.77 20.12
N GLN D 59 13.62 13.60 19.02
CA GLN D 59 13.07 13.93 17.71
C GLN D 59 12.69 12.62 17.07
N ILE D 60 11.47 12.55 16.54
CA ILE D 60 11.05 11.34 15.85
C ILE D 60 10.88 11.55 14.35
N ASP D 61 10.85 10.44 13.63
CA ASP D 61 10.43 10.40 12.25
C ASP D 61 8.92 10.37 12.30
N VAL D 62 8.31 11.51 12.01
CA VAL D 62 6.86 11.69 12.13
C VAL D 62 6.09 10.69 11.26
N ARG D 63 6.53 10.54 10.02
CA ARG D 63 5.90 9.59 9.11
C ARG D 63 5.93 8.15 9.67
N ALA D 64 7.08 7.74 10.15
CA ALA D 64 7.26 6.38 10.68
C ALA D 64 6.35 6.11 11.87
N VAL D 65 6.33 7.05 12.81
CA VAL D 65 5.56 6.85 14.04
C VAL D 65 4.06 6.89 13.74
N MET D 66 3.65 7.74 12.80
CA MET D 66 2.25 7.79 12.44
C MET D 66 1.79 6.55 11.68
N ARG D 67 2.68 5.96 10.88
CA ARG D 67 2.38 4.67 10.26
C ARG D 67 2.17 3.59 11.33
N ASP D 68 3.00 3.60 12.36
CA ASP D 68 2.84 2.67 13.49
C ASP D 68 1.53 2.90 14.23
N PHE D 69 1.20 4.16 14.48
CA PHE D 69 -0.06 4.49 15.13
C PHE D 69 -1.22 4.00 14.29
N SER D 70 -1.18 4.33 13.00
CA SER D 70 -2.24 3.97 12.07
C SER D 70 -2.54 2.47 12.10
N PHE D 71 -1.50 1.66 11.90
CA PHE D 71 -1.69 0.22 11.84
C PHE D 71 -2.23 -0.34 13.15
N ASN D 72 -1.63 0.07 14.27
CA ASN D 72 -2.00 -0.51 15.55
C ASN D 72 -3.31 0.01 16.10
N TYR D 73 -3.56 1.31 15.97
CA TYR D 73 -4.87 1.84 16.31
C TYR D 73 -5.96 1.13 15.51
N ALA D 74 -5.73 0.99 14.21
CA ALA D 74 -6.71 0.33 13.33
C ALA D 74 -6.93 -1.12 13.77
N GLY D 75 -5.83 -1.82 14.08
CA GLY D 75 -5.94 -3.19 14.60
C GLY D 75 -6.80 -3.24 15.85
N HIS D 76 -6.53 -2.31 16.77
CA HIS D 76 -7.28 -2.23 18.00
C HIS D 76 -8.78 -2.00 17.77
N ILE D 77 -9.13 -0.97 17.00
CA ILE D 77 -10.55 -0.68 16.78
C ILE D 77 -11.27 -1.78 16.00
N MET D 78 -10.62 -2.33 14.99
CA MET D 78 -11.24 -3.39 14.21
C MET D 78 -11.56 -4.62 15.06
N HIS D 79 -10.61 -5.03 15.91
CA HIS D 79 -10.85 -6.18 16.79
C HIS D 79 -11.89 -5.86 17.87
N THR D 80 -11.92 -4.61 18.32
CA THR D 80 -12.90 -4.13 19.30
C THR D 80 -14.32 -4.28 18.76
N ILE D 81 -14.49 -4.08 17.47
CA ILE D 81 -15.79 -4.27 16.82
C ILE D 81 -16.05 -5.75 16.54
N PHE D 82 -15.00 -6.45 16.13
CA PHE D 82 -15.06 -7.86 15.75
C PHE D 82 -15.64 -8.77 16.84
N TRP D 83 -15.18 -8.62 18.08
CA TRP D 83 -15.62 -9.53 19.15
C TRP D 83 -17.14 -9.46 19.42
N PRO D 84 -17.68 -8.26 19.74
CA PRO D 84 -19.13 -8.15 19.98
C PRO D 84 -19.98 -8.36 18.72
N ASN D 85 -19.38 -8.24 17.53
CA ASN D 85 -20.03 -8.60 16.26
C ASN D 85 -20.38 -10.09 16.21
N MET D 86 -19.81 -10.86 17.14
CA MET D 86 -20.09 -12.29 17.22
C MET D 86 -20.76 -12.63 18.56
N ALA D 87 -21.42 -13.78 18.59
CA ALA D 87 -22.07 -14.28 19.80
C ALA D 87 -22.20 -15.79 19.72
N PRO D 88 -22.29 -16.47 20.88
CA PRO D 88 -22.47 -17.92 20.88
C PRO D 88 -23.71 -18.30 20.08
N PRO D 89 -23.65 -19.39 19.29
CA PRO D 89 -24.77 -19.81 18.45
C PRO D 89 -26.09 -19.84 19.22
N GLY D 90 -27.14 -19.33 18.59
CA GLY D 90 -28.41 -19.05 19.27
C GLY D 90 -28.62 -17.56 19.24
N LYS D 91 -27.90 -16.85 20.10
CA LYS D 91 -27.80 -15.40 20.02
C LYS D 91 -27.09 -15.03 18.72
N GLY D 92 -26.03 -15.77 18.41
CA GLY D 92 -25.31 -15.60 17.14
C GLY D 92 -25.92 -16.44 16.03
N GLY D 93 -25.72 -16.00 14.80
CA GLY D 93 -26.22 -16.72 13.62
C GLY D 93 -27.60 -16.29 13.18
N GLY D 94 -28.16 -17.04 12.24
CA GLY D 94 -29.50 -16.77 11.73
C GLY D 94 -29.55 -15.60 10.77
N THR D 95 -30.77 -15.07 10.60
CA THR D 95 -31.07 -14.02 9.63
C THR D 95 -31.54 -12.77 10.38
N PRO D 96 -30.97 -11.60 10.03
CA PRO D 96 -31.32 -10.35 10.72
C PRO D 96 -32.73 -9.86 10.45
N GLY D 97 -33.25 -9.06 11.39
CA GLY D 97 -34.49 -8.32 11.20
C GLY D 97 -34.23 -6.84 11.36
N GLY D 98 -35.28 -6.09 11.66
CA GLY D 98 -35.16 -4.67 11.99
C GLY D 98 -34.62 -3.77 10.89
N ARG D 99 -33.89 -2.73 11.31
CA ARG D 99 -33.41 -1.70 10.38
C ARG D 99 -32.32 -2.22 9.45
N VAL D 100 -31.48 -3.11 9.94
CA VAL D 100 -30.40 -3.67 9.11
C VAL D 100 -30.97 -4.57 8.00
N ALA D 101 -31.99 -5.37 8.34
CA ALA D 101 -32.67 -6.19 7.33
C ALA D 101 -33.32 -5.32 6.27
N ASP D 102 -33.91 -4.21 6.70
CA ASP D 102 -34.57 -3.26 5.82
C ASP D 102 -33.61 -2.62 4.81
N LEU D 103 -32.45 -2.18 5.29
CA LEU D 103 -31.43 -1.59 4.42
C LEU D 103 -30.79 -2.64 3.52
N ILE D 104 -30.64 -3.86 4.03
CA ILE D 104 -30.14 -4.98 3.24
C ILE D 104 -31.06 -5.26 2.04
N GLU D 105 -32.38 -5.21 2.27
CA GLU D 105 -33.36 -5.33 1.19
C GLU D 105 -33.21 -4.22 0.15
N LYS D 106 -33.05 -2.99 0.63
CA LYS D 106 -32.99 -1.81 -0.25
C LYS D 106 -31.66 -1.68 -1.01
N GLN D 107 -30.53 -1.84 -0.32
CA GLN D 107 -29.22 -1.71 -0.93
C GLN D 107 -28.83 -2.91 -1.79
N PHE D 108 -29.12 -4.12 -1.29
CA PHE D 108 -28.56 -5.34 -1.87
C PHE D 108 -29.58 -6.30 -2.48
N GLY D 109 -30.86 -6.01 -2.31
CA GLY D 109 -31.91 -6.87 -2.85
C GLY D 109 -32.17 -8.10 -2.01
N GLY D 110 -31.90 -7.99 -0.71
CA GLY D 110 -32.22 -9.07 0.22
C GLY D 110 -31.01 -9.75 0.84
N PHE D 111 -31.28 -10.57 1.86
CA PHE D 111 -30.21 -11.16 2.66
C PHE D 111 -29.31 -12.11 1.88
N GLU D 112 -29.89 -12.95 1.03
CA GLU D 112 -29.09 -13.92 0.29
C GLU D 112 -28.11 -13.25 -0.67
N LYS D 113 -28.56 -12.21 -1.36
CA LYS D 113 -27.70 -11.41 -2.24
C LYS D 113 -26.62 -10.67 -1.45
N PHE D 114 -27.02 -10.04 -0.33
CA PHE D 114 -26.06 -9.41 0.57
C PHE D 114 -24.99 -10.40 1.04
N LYS D 115 -25.45 -11.55 1.52
CA LYS D 115 -24.55 -12.55 2.08
C LYS D 115 -23.52 -13.01 1.06
N ALA D 116 -23.99 -13.25 -0.17
CA ALA D 116 -23.11 -13.66 -1.26
C ALA D 116 -22.05 -12.60 -1.56
N LEU D 117 -22.47 -11.33 -1.60
CA LEU D 117 -21.55 -10.22 -1.86
C LEU D 117 -20.55 -10.02 -0.72
N PHE D 118 -21.03 -10.04 0.52
CA PHE D 118 -20.17 -9.88 1.67
C PHE D 118 -19.16 -11.03 1.77
N SER D 119 -19.64 -12.25 1.60
CA SER D 119 -18.77 -13.43 1.59
C SER D 119 -17.69 -13.31 0.52
N ALA D 120 -18.07 -12.88 -0.68
CA ALA D 120 -17.11 -12.72 -1.78
C ALA D 120 -16.06 -11.67 -1.43
N ALA D 121 -16.51 -10.56 -0.85
CA ALA D 121 -15.59 -9.51 -0.39
C ALA D 121 -14.59 -10.04 0.63
N ALA D 122 -15.09 -10.80 1.60
CA ALA D 122 -14.23 -11.33 2.66
C ALA D 122 -13.25 -12.37 2.11
N LYS D 123 -13.74 -13.27 1.27
CA LYS D 123 -12.92 -14.36 0.73
C LYS D 123 -11.80 -13.86 -0.15
N THR D 124 -12.05 -12.78 -0.89
CA THR D 124 -11.11 -12.29 -1.89
C THR D 124 -10.19 -11.14 -1.44
N VAL D 125 -10.13 -10.88 -0.13
CA VAL D 125 -9.16 -9.93 0.39
C VAL D 125 -7.78 -10.44 -0.02
N GLU D 126 -6.97 -9.56 -0.62
CA GLU D 126 -5.65 -9.95 -1.07
C GLU D 126 -4.65 -9.75 0.06
N GLY D 127 -3.98 -10.83 0.45
CA GLY D 127 -3.19 -10.81 1.67
C GLY D 127 -4.13 -10.90 2.85
N VAL D 128 -3.75 -10.28 3.96
CA VAL D 128 -4.57 -10.28 5.16
C VAL D 128 -5.43 -9.01 5.24
N GLY D 129 -6.56 -9.10 5.93
CA GLY D 129 -7.42 -7.95 6.09
C GLY D 129 -8.80 -8.30 6.59
N TRP D 130 -9.78 -7.55 6.12
CA TRP D 130 -11.13 -7.55 6.68
C TRP D 130 -12.17 -7.40 5.59
N GLY D 131 -13.29 -8.10 5.75
CA GLY D 131 -14.52 -7.76 5.04
C GLY D 131 -15.30 -6.83 5.94
N VAL D 132 -15.83 -5.75 5.36
CA VAL D 132 -16.47 -4.69 6.13
C VAL D 132 -17.83 -4.28 5.57
N LEU D 133 -18.84 -4.31 6.43
CA LEU D 133 -20.11 -3.68 6.14
C LEU D 133 -20.14 -2.37 6.90
N ALA D 134 -20.32 -1.27 6.18
CA ALA D 134 -20.24 0.05 6.78
C ALA D 134 -21.48 0.90 6.48
N PHE D 135 -21.72 1.86 7.36
CA PHE D 135 -22.73 2.88 7.15
C PHE D 135 -22.07 4.13 6.56
N ASP D 136 -22.63 4.61 5.45
CA ASP D 136 -22.12 5.80 4.77
C ASP D 136 -22.84 7.04 5.27
N PRO D 137 -22.13 7.94 6.00
CA PRO D 137 -22.79 9.14 6.51
C PRO D 137 -23.27 10.10 5.42
N LEU D 138 -22.67 10.04 4.23
CA LEU D 138 -23.02 10.94 3.13
C LEU D 138 -24.34 10.59 2.45
N THR D 139 -24.72 9.32 2.49
CA THR D 139 -25.94 8.83 1.85
C THR D 139 -26.90 8.14 2.80
N GLU D 140 -26.43 7.88 4.02
CA GLU D 140 -27.19 7.10 5.02
C GLU D 140 -27.56 5.70 4.51
N GLU D 141 -26.65 5.12 3.73
CA GLU D 141 -26.83 3.80 3.14
C GLU D 141 -25.68 2.87 3.52
N LEU D 142 -25.92 1.57 3.38
CA LEU D 142 -24.89 0.57 3.59
C LEU D 142 -23.93 0.47 2.40
N ARG D 143 -22.67 0.21 2.70
CA ARG D 143 -21.63 -0.02 1.70
C ARG D 143 -20.78 -1.18 2.19
N ILE D 144 -20.36 -2.04 1.27
CA ILE D 144 -19.42 -3.10 1.59
C ILE D 144 -18.07 -2.76 0.98
N LEU D 145 -17.00 -3.00 1.73
CA LEU D 145 -15.65 -2.83 1.21
C LEU D 145 -14.70 -3.82 1.86
N GLN D 146 -13.47 -3.87 1.34
CA GLN D 146 -12.39 -4.64 1.95
C GLN D 146 -11.41 -3.68 2.59
N VAL D 147 -10.75 -4.16 3.63
CA VAL D 147 -9.61 -3.45 4.20
C VAL D 147 -8.45 -4.43 4.18
N GLU D 148 -7.29 -3.98 3.69
CA GLU D 148 -6.07 -4.77 3.74
C GLU D 148 -5.26 -4.36 4.95
N LYS D 149 -4.50 -5.31 5.51
CA LYS D 149 -3.90 -5.11 6.84
C LYS D 149 -5.02 -4.66 7.78
N HIS D 150 -4.84 -3.55 8.48
CA HIS D 150 -5.93 -2.95 9.25
C HIS D 150 -6.30 -1.57 8.74
N ASN D 151 -5.47 -1.05 7.84
CA ASN D 151 -5.39 0.39 7.61
C ASN D 151 -5.06 0.71 6.16
N VAL D 152 -5.47 -0.16 5.25
CA VAL D 152 -5.29 0.04 3.81
C VAL D 152 -6.63 -0.21 3.14
N LEU D 153 -7.05 0.75 2.30
CA LEU D 153 -8.37 0.77 1.64
C LEU D 153 -9.49 1.29 2.53
N MET D 154 -9.26 1.38 3.84
CA MET D 154 -10.24 2.02 4.71
C MET D 154 -10.29 3.51 4.38
N THR D 155 -11.48 4.09 4.48
CA THR D 155 -11.71 5.48 4.14
C THR D 155 -12.24 6.22 5.37
N ALA D 156 -12.14 7.54 5.32
CA ALA D 156 -12.83 8.38 6.28
C ALA D 156 -14.33 8.21 6.09
N GLY D 157 -15.09 8.59 7.11
CA GLY D 157 -16.54 8.64 7.02
C GLY D 157 -17.26 7.34 7.32
N LEU D 158 -17.01 6.33 6.48
CA LEU D 158 -17.67 5.03 6.62
C LEU D 158 -17.54 4.48 8.02
N VAL D 159 -18.66 4.09 8.61
CA VAL D 159 -18.69 3.53 9.96
C VAL D 159 -18.90 2.02 9.88
N PRO D 160 -17.86 1.23 10.21
CA PRO D 160 -18.05 -0.23 10.20
C PRO D 160 -19.09 -0.67 11.24
N ILE D 161 -20.07 -1.46 10.79
CA ILE D 161 -21.08 -2.02 11.69
C ILE D 161 -21.00 -3.54 11.80
N LEU D 162 -20.39 -4.17 10.81
CA LEU D 162 -20.11 -5.60 10.84
C LEU D 162 -18.79 -5.86 10.12
N VAL D 163 -17.87 -6.53 10.81
CA VAL D 163 -16.57 -6.85 10.23
C VAL D 163 -16.24 -8.33 10.40
N ILE D 164 -15.55 -8.88 9.42
CA ILE D 164 -14.98 -10.22 9.54
C ILE D 164 -13.48 -10.13 9.32
N ASP D 165 -12.74 -10.69 10.26
CA ASP D 165 -11.30 -10.74 10.20
C ASP D 165 -10.89 -11.93 9.33
N VAL D 166 -10.21 -11.63 8.23
CA VAL D 166 -9.66 -12.70 7.39
C VAL D 166 -8.13 -12.71 7.35
N TRP D 167 -7.50 -12.13 8.38
CA TRP D 167 -6.09 -12.42 8.61
C TRP D 167 -5.95 -13.93 8.80
N GLU D 168 -4.82 -14.49 8.37
CA GLU D 168 -4.63 -15.93 8.47
C GLU D 168 -4.73 -16.43 9.91
N HIS D 169 -4.27 -15.63 10.88
CA HIS D 169 -4.36 -16.02 12.29
C HIS D 169 -5.80 -16.20 12.80
N ALA D 170 -6.77 -15.64 12.07
CA ALA D 170 -8.17 -15.74 12.47
C ALA D 170 -8.74 -17.15 12.23
N TYR D 171 -8.08 -17.93 11.37
CA TYR D 171 -8.67 -19.21 10.98
C TYR D 171 -7.70 -20.36 10.77
N TYR D 172 -6.41 -20.07 10.62
CA TYR D 172 -5.47 -21.09 10.12
C TYR D 172 -5.38 -22.38 10.93
N LEU D 173 -5.40 -22.27 12.26
CA LEU D 173 -5.27 -23.45 13.10
C LEU D 173 -6.39 -24.47 12.91
N GLN D 174 -7.56 -23.97 12.54
CA GLN D 174 -8.75 -24.79 12.38
C GLN D 174 -9.05 -25.11 10.90
N TYR D 175 -9.08 -24.06 10.08
CA TYR D 175 -9.47 -24.17 8.68
C TYR D 175 -8.28 -24.29 7.73
N LYS D 176 -7.07 -24.21 8.27
CA LYS D 176 -5.85 -24.26 7.46
C LYS D 176 -5.93 -23.15 6.41
N ASN D 177 -5.60 -23.47 5.16
CA ASN D 177 -5.62 -22.47 4.09
C ASN D 177 -7.05 -22.09 3.64
N ASP D 178 -8.03 -22.87 4.08
CA ASP D 178 -9.40 -22.76 3.57
C ASP D 178 -10.16 -21.61 4.21
N ARG D 179 -9.81 -20.40 3.81
CA ARG D 179 -10.48 -19.19 4.25
C ARG D 179 -11.97 -19.23 3.88
N GLY D 180 -12.28 -19.78 2.72
CA GLY D 180 -13.66 -19.88 2.24
C GLY D 180 -14.59 -20.58 3.22
N SER D 181 -14.15 -21.73 3.74
CA SER D 181 -14.94 -22.47 4.71
C SER D 181 -15.09 -21.71 6.02
N TYR D 182 -14.04 -21.00 6.43
CA TYR D 182 -14.10 -20.15 7.61
C TYR D 182 -15.17 -19.07 7.46
N VAL D 183 -15.16 -18.37 6.33
CA VAL D 183 -16.12 -17.30 6.07
C VAL D 183 -17.54 -17.85 6.10
N GLU D 184 -17.76 -18.99 5.44
CA GLU D 184 -19.08 -19.62 5.42
C GLU D 184 -19.56 -19.98 6.83
N ASN D 185 -18.66 -20.49 7.66
CA ASN D 185 -18.97 -20.88 9.04
C ASN D 185 -19.20 -19.70 9.98
N TRP D 186 -18.50 -18.60 9.71
CA TRP D 186 -18.56 -17.40 10.55
C TRP D 186 -19.98 -16.83 10.65
N TRP D 187 -20.75 -16.96 9.58
CA TRP D 187 -22.15 -16.49 9.58
C TRP D 187 -22.96 -17.06 10.75
N ASN D 188 -22.60 -18.25 11.19
CA ASN D 188 -23.33 -18.93 12.28
C ASN D 188 -23.10 -18.32 13.66
N VAL D 189 -22.16 -17.38 13.76
CA VAL D 189 -21.92 -16.69 15.03
C VAL D 189 -22.08 -15.17 14.95
N VAL D 190 -22.59 -14.66 13.83
CA VAL D 190 -22.83 -13.22 13.69
C VAL D 190 -23.89 -12.77 14.70
N ASN D 191 -23.55 -11.75 15.48
CA ASN D 191 -24.44 -11.17 16.47
C ASN D 191 -25.24 -10.03 15.85
N TRP D 192 -26.37 -10.37 15.24
CA TRP D 192 -27.17 -9.38 14.53
C TRP D 192 -27.77 -8.28 15.41
N ASP D 193 -28.01 -8.57 16.69
CA ASP D 193 -28.45 -7.54 17.63
C ASP D 193 -27.39 -6.45 17.80
N ASP D 194 -26.12 -6.87 17.82
CA ASP D 194 -25.01 -5.93 17.90
C ASP D 194 -24.92 -5.07 16.65
N VAL D 195 -25.02 -5.71 15.48
CA VAL D 195 -24.98 -5.00 14.21
C VAL D 195 -26.13 -3.98 14.13
N GLU D 196 -27.32 -4.40 14.56
CA GLU D 196 -28.49 -3.53 14.63
C GLU D 196 -28.26 -2.30 15.51
N LYS D 197 -27.71 -2.51 16.71
CA LYS D 197 -27.37 -1.41 17.62
C LYS D 197 -26.41 -0.41 16.98
N ARG D 198 -25.39 -0.92 16.29
CA ARG D 198 -24.42 -0.08 15.60
C ARG D 198 -25.03 0.72 14.46
N LEU D 199 -25.89 0.08 13.67
CA LEU D 199 -26.56 0.78 12.58
C LEU D 199 -27.45 1.91 13.10
N GLU D 200 -28.18 1.64 14.17
CA GLU D 200 -29.06 2.65 14.78
C GLU D 200 -28.26 3.83 15.30
N GLN D 201 -27.13 3.56 15.96
CA GLN D 201 -26.23 4.62 16.42
C GLN D 201 -25.71 5.44 15.23
N ALA D 202 -25.36 4.75 14.15
CA ALA D 202 -24.87 5.40 12.93
C ALA D 202 -25.93 6.28 12.28
N LEU D 203 -27.15 5.75 12.16
CA LEU D 203 -28.28 6.50 11.62
C LEU D 203 -28.55 7.79 12.39
N ASN D 204 -28.29 7.76 13.70
CA ASN D 204 -28.54 8.90 14.58
C ASN D 204 -27.36 9.86 14.74
N ASN D 205 -26.14 9.37 14.53
CA ASN D 205 -24.92 10.12 14.88
C ASN D 205 -23.98 10.52 13.73
N ALA D 206 -23.90 9.68 12.70
CA ALA D 206 -22.80 9.76 11.72
C ALA D 206 -22.78 11.00 10.81
N LYS D 207 -23.90 11.27 10.15
CA LYS D 207 -23.98 12.37 9.16
C LYS D 207 -23.51 13.75 9.66
N PRO D 208 -23.99 14.21 10.84
CA PRO D 208 -23.58 15.49 11.42
C PRO D 208 -22.07 15.71 11.60
N LEU D 209 -21.30 14.63 11.69
CA LEU D 209 -19.84 14.71 11.85
C LEU D 209 -19.18 15.38 10.64
N TYR D 210 -19.86 15.34 9.49
CA TYR D 210 -19.30 15.76 8.22
C TYR D 210 -20.12 16.85 7.53
MN MN E . 9.29 11.57 -11.29
C1 EDO F . 0.08 4.57 -1.64
O1 EDO F . 1.02 5.63 -1.42
C2 EDO F . 0.48 3.81 -2.90
O2 EDO F . -0.26 4.33 -4.01
C1 EDO G . 21.12 18.00 -16.98
O1 EDO G . 22.06 16.92 -17.08
C2 EDO G . 20.87 18.59 -18.36
O2 EDO G . 21.97 19.46 -18.70
C1 EDO H . -0.12 0.71 -0.38
O1 EDO H . 0.92 1.48 0.24
C2 EDO H . -0.35 -0.56 0.42
O2 EDO H . -0.90 -1.56 -0.45
C1 EDO I . 11.71 17.83 -4.35
O1 EDO I . 11.68 19.00 -3.54
C2 EDO I . 11.10 16.66 -3.58
O2 EDO I . 10.64 15.67 -4.49
C1 EDO J . 23.68 15.52 -12.49
O1 EDO J . 24.60 15.32 -11.41
C2 EDO J . 23.77 16.97 -12.98
O2 EDO J . 23.63 17.00 -14.40
MN MN K . 4.08 -18.14 1.51
C1 EDO L . 13.05 -27.14 16.56
O1 EDO L . 13.65 -26.16 17.38
C2 EDO L . 11.61 -26.75 16.28
O2 EDO L . 10.90 -26.64 17.52
C1 EDO M . 8.05 -32.57 -2.57
O1 EDO M . 7.93 -33.96 -2.89
C2 EDO M . 7.21 -31.76 -3.54
O2 EDO M . 7.95 -31.44 -4.71
C1 EDO N . 0.22 -4.27 2.28
O1 EDO N . 0.86 -3.02 2.57
C2 EDO N . -1.29 -4.08 2.28
O2 EDO N . -1.74 -3.65 1.00
C1 EDO O . -3.52 -16.59 1.67
O1 EDO O . -3.91 -15.31 2.23
C2 EDO O . -2.75 -16.36 0.38
O2 EDO O . -1.86 -17.47 0.14
MN MN P . -6.73 16.91 -4.21
C1 EDO Q . -18.25 27.30 -8.27
O1 EDO Q . -18.50 28.38 -7.36
C2 EDO Q . -17.52 26.20 -7.51
O2 EDO Q . -18.40 25.68 -6.52
C1 EDO R . -1.23 13.50 21.94
O1 EDO R . -2.25 13.54 22.96
C2 EDO R . -1.56 12.38 20.96
O2 EDO R . -2.29 12.91 19.84
C1 EDO S . -4.77 -2.61 -2.63
O1 EDO S . -3.55 -2.62 -1.89
C2 EDO S . -4.59 -1.94 -3.98
O2 EDO S . -3.82 -2.76 -4.87
C1 EDO T . 6.34 13.77 -2.31
O1 EDO T . 6.70 12.37 -2.33
C2 EDO T . 5.63 14.14 -3.60
O2 EDO T . 6.58 14.44 -4.64
MN MN U . -7.04 -10.51 13.89
C1 EDO V . -31.42 -7.41 13.98
O1 EDO V . -31.54 -8.79 13.65
C2 EDO V . -32.54 -7.00 14.94
O2 EDO V . -33.81 -7.31 14.35
C1 EDO W . 10.14 11.43 7.61
O1 EDO W . 9.13 11.98 8.47
C2 EDO W . 10.99 12.54 7.00
O2 EDO W . 10.75 12.60 5.59
C1 EDO X . -5.12 -13.87 -0.89
O1 EDO X . -3.92 -13.53 -0.17
C2 EDO X . -4.80 -14.07 -2.36
O2 EDO X . -4.12 -15.31 -2.55
C1 EDO Y . -12.84 -14.39 27.79
O1 EDO Y . -12.92 -14.86 29.14
C2 EDO Y . -11.76 -13.32 27.70
O2 EDO Y . -12.32 -12.03 27.97
C1 EDO Z . 2.69 3.44 3.76
O1 EDO Z . 2.19 2.94 2.51
C2 EDO Z . 3.45 2.34 4.51
O2 EDO Z . 4.75 2.16 3.95
#